data_8TII
#
_entry.id   8TII
#
_cell.length_a   1.00
_cell.length_b   1.00
_cell.length_c   1.00
_cell.angle_alpha   90.00
_cell.angle_beta   90.00
_cell.angle_gamma   90.00
#
_symmetry.space_group_name_H-M   'P 1'
#
loop_
_entity.id
_entity.type
_entity.pdbx_description
1 polymer Beta-arrestin-1
2 polymer 'Fab7 heavy chain'
3 polymer 'Fab7 light chain'
4 polymer 'anti-Fab nanobody'
5 polymer 'Atypical chemokine receptor 3'
#
loop_
_entity_poly.entity_id
_entity_poly.type
_entity_poly.pdbx_seq_one_letter_code
_entity_poly.pdbx_strand_id
1 'polypeptide(L)'
;MGDKGTRVFKKASPNGKLTVYLGKRDFVDHIDLVEPVDGVVLVDPEYLKERRVYVTLTCAFRYGREDLDVLGLTFRKDLF
VANVQSFPPAPEDKKPLTRLQERLIKKLGEHAYPFTFEIPPNLPCSVTLQPGPEDTGKACGVDYEVKAFCAENLEEKIHK
RNSVRLVIRKVQYAPERPGPQPTAETTRQFLMSDKPLHLEASLDKEIYYHGEPISVNVHVTNNTNKTVKKIKISVRQYAD
ICLFNTAQYKCPVAMEEADDTVAPSSTFCKVYTLTPFLANNREKRGLALDGKLKHEDTNLASSTLLREGANREILGIIVS
YKVKVKLVVSRGGLLGDLASSDVAVELPFTLMHPKPKEEPPHREVPEHETPVDTNLIELDTNDDDAAAEDFARQRLKGMK
DDKEEEEDGTGSPRLNDR
;
A
2 'polypeptide(L)'
;EISEVQLVESGGGLVQPGGSLRLSCAASGFNVSSSYIHWVRQAPGKGLEWVASISSYYGYTYYADSVKGRFTISADTSKN
TAYLQMNSLRAEDTAVYYCARKSMYHRGWGWLSWVYGAMDYWGQGTLVTVSSASTKGPSVFPLAPSSKSTSGGTAALGCL
VKDYFPEPVTVSWNSGALTSGVHTFPAVLQSSGLYSLSSVVTVPSSSLGTQTYICNVNHKPSNTKVDKKVEPKSCDKTHT
;
H
3 'polypeptide(L)'
;SDIQMTQSPSSLSASVGDRVTITCRASQSVSSAVAWYQQKPGKAPKLLIYSASSLYSGVPSRFSGSRSGTDFTLTISSLQ
PEDFATYYCQQSYYYPITFGQGTKVEIKRTVAAPSVFIFPPSDSQLKSGTASVVCLLNNFYPREAKVQWKVDNALQSGNS
QESVTEQDSKDSTYSLSSTLTLSKADYEKHKVYACEVTHQGLSSPVTKSFNRGEC
;
L
4 'polypeptide(L)'
;GSQVQLQESGGGLVQPGGSLRLSCAASGRTISRYAMSWFRQAPGKEREFVAVARRSGDGAFYADSVQGRFTVSRDDAKNT
VYLQMNSLKPEDTAVYYCAIDSDTFYSGSYDYWGQGTQVTVSS
;
N
5 'polypeptide(L)'
;GAPDLHLFDYSEPGNFSDISWPCNSSDCIVVDTVMCPNMPNKSVLLYTLSFIYIFIFVIGMIANSVVVWVNIQAKTTGYD
THCYILNLAIADLWVVLTIPVWVVSLVQHNQWPMGELTCKVTHLIFSINLFGSIFFLTCMSVDRYLSITYFTNTPSSRKK
MVRRVVCILVWLLAFCVSLPDTYYLKTVTSASNNETYCRSFYPEHSIKEWLIGMELVSVVLGFAVPFSIIAVFYFLLARA
ISASSDQEKHSSRKIIFSYVVVFLVCWLPYHVAVLLDIFSILHYIPFTCRLEHALFTALHVTQCLSLVHCCVNPVLYSFI
NRNYRYELMKAFIFKYSAKTGLTKLIDASRVSE(TPO)EY(SEP)ALEQSTKGRPLEVLFQGPHHHHHHHHHHDYKDDDD
K
;
R
#
# COMPACT_ATOMS: atom_id res chain seq x y z
N THR A 6 26.45 -4.59 -7.91
CA THR A 6 25.19 -4.47 -7.19
C THR A 6 24.75 -5.84 -6.68
N ARG A 7 24.43 -6.75 -7.60
CA ARG A 7 24.04 -8.10 -7.27
C ARG A 7 24.82 -9.08 -8.12
N VAL A 8 25.09 -10.26 -7.56
CA VAL A 8 25.79 -11.32 -8.28
C VAL A 8 25.19 -12.67 -7.89
N PHE A 9 24.43 -13.26 -8.83
CA PHE A 9 23.92 -14.60 -8.61
C PHE A 9 25.07 -15.57 -8.36
N LYS A 10 24.91 -16.41 -7.34
CA LYS A 10 25.96 -17.35 -7.00
C LYS A 10 25.35 -18.72 -6.79
N LYS A 11 26.12 -19.74 -7.17
CA LYS A 11 25.74 -21.13 -6.95
C LYS A 11 26.96 -21.90 -6.49
N ALA A 12 26.92 -22.42 -5.28
CA ALA A 12 28.03 -23.19 -4.72
C ALA A 12 27.94 -24.64 -5.17
N SER A 13 29.10 -25.21 -5.47
CA SER A 13 29.16 -26.62 -5.86
C SER A 13 28.81 -27.49 -4.67
N PRO A 14 28.43 -28.75 -4.89
CA PRO A 14 28.01 -29.60 -3.75
C PRO A 14 29.06 -29.67 -2.65
N ASN A 15 30.35 -29.65 -3.01
CA ASN A 15 31.41 -29.67 -2.02
C ASN A 15 31.70 -28.29 -1.43
N GLY A 16 31.12 -27.22 -1.99
CA GLY A 16 31.34 -25.88 -1.51
C GLY A 16 32.64 -25.26 -1.96
N LYS A 17 33.46 -25.97 -2.74
CA LYS A 17 34.74 -25.42 -3.17
C LYS A 17 34.57 -24.55 -4.42
N LEU A 18 33.81 -25.04 -5.39
CA LEU A 18 33.55 -24.31 -6.63
C LEU A 18 32.24 -23.55 -6.46
N THR A 19 32.34 -22.22 -6.48
CA THR A 19 31.18 -21.34 -6.35
C THR A 19 31.14 -20.41 -7.55
N VAL A 20 30.22 -20.67 -8.47
CA VAL A 20 30.09 -19.87 -9.67
C VAL A 20 29.38 -18.57 -9.33
N TYR A 21 29.89 -17.46 -9.85
CA TYR A 21 29.30 -16.13 -9.64
C TYR A 21 29.12 -15.47 -11.00
N LEU A 22 27.92 -14.94 -11.25
CA LEU A 22 27.60 -14.28 -12.50
C LEU A 22 26.81 -13.01 -12.23
N GLY A 23 27.17 -11.93 -12.93
CA GLY A 23 26.48 -10.67 -12.73
C GLY A 23 25.02 -10.72 -13.16
N LYS A 24 24.75 -11.30 -14.33
CA LYS A 24 23.42 -11.35 -14.89
C LYS A 24 23.16 -12.75 -15.47
N ARG A 25 21.90 -12.98 -15.88
CA ARG A 25 21.51 -14.25 -16.46
C ARG A 25 20.70 -14.10 -17.74
N ASP A 26 20.50 -12.88 -18.23
CA ASP A 26 19.81 -12.63 -19.50
C ASP A 26 20.80 -11.94 -20.43
N PHE A 27 21.37 -12.70 -21.37
CA PHE A 27 22.33 -12.19 -22.33
C PHE A 27 21.59 -11.92 -23.63
N VAL A 28 21.49 -10.64 -23.99
CA VAL A 28 20.62 -10.21 -25.09
C VAL A 28 21.37 -10.38 -26.40
N ASP A 29 20.77 -11.12 -27.34
CA ASP A 29 21.34 -11.37 -28.66
C ASP A 29 21.12 -10.15 -29.54
N HIS A 30 22.04 -9.18 -29.42
CA HIS A 30 22.02 -8.05 -30.34
C HIS A 30 22.13 -8.56 -31.76
N ILE A 31 21.63 -7.80 -32.73
CA ILE A 31 21.60 -8.29 -34.11
C ILE A 31 23.01 -8.54 -34.63
N ASP A 32 23.93 -7.62 -34.37
CA ASP A 32 25.28 -7.73 -34.90
C ASP A 32 26.19 -8.58 -34.01
N LEU A 33 26.15 -8.35 -32.71
CA LEU A 33 27.03 -9.04 -31.75
C LEU A 33 26.18 -9.64 -30.63
N VAL A 34 26.86 -10.23 -29.65
CA VAL A 34 26.21 -10.82 -28.50
C VAL A 34 26.96 -10.38 -27.24
N GLU A 35 26.24 -10.39 -26.13
CA GLU A 35 26.86 -10.01 -24.86
C GLU A 35 27.85 -11.09 -24.43
N PRO A 36 28.97 -10.71 -23.82
CA PRO A 36 29.95 -11.71 -23.37
C PRO A 36 29.50 -12.36 -22.07
N VAL A 37 29.53 -13.70 -22.03
CA VAL A 37 29.19 -14.43 -20.83
C VAL A 37 30.43 -14.54 -19.96
N ASP A 38 30.51 -13.70 -18.92
CA ASP A 38 31.72 -13.60 -18.10
C ASP A 38 31.39 -13.94 -16.66
N GLY A 39 32.34 -14.58 -15.98
CA GLY A 39 32.17 -14.91 -14.59
C GLY A 39 33.50 -15.24 -13.95
N VAL A 40 33.45 -15.72 -12.71
CA VAL A 40 34.63 -16.14 -11.99
C VAL A 40 34.31 -17.40 -11.20
N VAL A 41 35.27 -18.32 -11.14
CA VAL A 41 35.14 -19.56 -10.37
C VAL A 41 36.12 -19.49 -9.21
N LEU A 42 35.62 -19.72 -8.00
CA LEU A 42 36.45 -19.76 -6.81
C LEU A 42 36.86 -21.21 -6.54
N VAL A 43 38.16 -21.41 -6.32
CA VAL A 43 38.71 -22.74 -6.11
C VAL A 43 39.56 -22.73 -4.85
N ASP A 44 39.60 -23.88 -4.18
CA ASP A 44 40.48 -24.09 -3.05
C ASP A 44 41.67 -24.91 -3.54
N PRO A 45 42.90 -24.36 -3.54
CA PRO A 45 44.04 -25.11 -4.11
C PRO A 45 44.21 -26.48 -3.47
N GLU A 46 43.89 -26.60 -2.18
CA GLU A 46 43.96 -27.90 -1.53
C GLU A 46 42.99 -28.88 -2.16
N TYR A 47 41.73 -28.46 -2.33
CA TYR A 47 40.76 -29.32 -3.00
C TYR A 47 41.11 -29.54 -4.47
N LEU A 48 41.84 -28.59 -5.06
CA LEU A 48 42.18 -28.72 -6.48
C LEU A 48 43.22 -29.81 -6.67
N LYS A 49 42.74 -31.03 -6.91
CA LYS A 49 43.61 -32.18 -7.12
C LYS A 49 43.86 -32.47 -8.59
N GLU A 50 42.98 -32.01 -9.48
CA GLU A 50 43.19 -32.11 -10.91
C GLU A 50 44.10 -31.01 -11.45
N ARG A 51 44.31 -29.94 -10.68
CA ARG A 51 45.18 -28.84 -11.09
C ARG A 51 44.67 -28.18 -12.36
N ARG A 52 43.42 -28.45 -12.74
CA ARG A 52 42.83 -27.88 -13.93
C ARG A 52 41.33 -27.75 -13.74
N VAL A 53 40.81 -26.55 -13.92
CA VAL A 53 39.38 -26.29 -13.85
C VAL A 53 38.95 -25.69 -15.18
N TYR A 54 37.95 -26.30 -15.80
CA TYR A 54 37.46 -25.90 -17.12
C TYR A 54 36.04 -25.36 -17.01
N VAL A 55 35.78 -24.27 -17.72
CA VAL A 55 34.46 -23.63 -17.77
C VAL A 55 33.98 -23.66 -19.21
N THR A 56 32.75 -24.11 -19.39
CA THR A 56 32.16 -24.29 -20.71
C THR A 56 30.84 -23.53 -20.81
N LEU A 57 30.51 -23.10 -22.01
CA LEU A 57 29.26 -22.39 -22.31
C LEU A 57 28.56 -23.15 -23.43
N THR A 58 27.55 -23.94 -23.07
CA THR A 58 26.89 -24.84 -24.01
C THR A 58 25.53 -24.30 -24.43
N CYS A 59 25.14 -24.63 -25.66
CA CYS A 59 23.85 -24.26 -26.22
C CYS A 59 23.18 -25.53 -26.74
N ALA A 60 22.31 -26.11 -25.93
CA ALA A 60 21.68 -27.38 -26.26
C ALA A 60 20.31 -27.17 -26.91
N PHE A 61 19.88 -28.17 -27.67
CA PHE A 61 18.56 -28.20 -28.29
C PHE A 61 17.88 -29.45 -27.73
N ARG A 62 17.20 -29.28 -26.59
CA ARG A 62 16.62 -30.43 -25.92
C ARG A 62 15.38 -30.92 -26.67
N TYR A 63 14.90 -32.09 -26.28
CA TYR A 63 13.66 -32.63 -26.83
C TYR A 63 13.14 -33.76 -25.93
N ARG A 76 19.33 -35.23 -27.33
CA ARG A 76 19.96 -33.93 -27.15
C ARG A 76 20.85 -33.58 -28.35
N LYS A 77 20.89 -32.30 -28.68
CA LYS A 77 21.80 -31.78 -29.68
C LYS A 77 22.47 -30.52 -29.16
N ASP A 78 23.74 -30.34 -29.51
CA ASP A 78 24.52 -29.21 -29.07
C ASP A 78 24.96 -28.40 -30.28
N LEU A 79 24.84 -27.07 -30.19
CA LEU A 79 25.12 -26.18 -31.31
C LEU A 79 26.36 -25.34 -31.13
N PHE A 80 26.83 -25.14 -29.89
CA PHE A 80 28.00 -24.30 -29.66
C PHE A 80 28.59 -24.66 -28.30
N VAL A 81 29.80 -25.22 -28.32
CA VAL A 81 30.53 -25.55 -27.10
C VAL A 81 31.87 -24.83 -27.14
N ALA A 82 32.15 -24.05 -26.10
CA ALA A 82 33.38 -23.30 -25.98
C ALA A 82 34.02 -23.58 -24.63
N ASN A 83 35.31 -23.91 -24.63
CA ASN A 83 36.05 -24.23 -23.42
C ASN A 83 37.10 -23.17 -23.17
N VAL A 84 37.13 -22.65 -21.94
CA VAL A 84 38.15 -21.70 -21.49
C VAL A 84 38.70 -22.21 -20.17
N GLN A 85 40.03 -22.27 -20.06
CA GLN A 85 40.69 -22.84 -18.89
C GLN A 85 40.83 -21.74 -17.83
N SER A 86 39.97 -21.80 -16.81
CA SER A 86 40.06 -20.82 -15.73
C SER A 86 41.39 -20.94 -14.99
N PHE A 87 41.83 -22.16 -14.72
CA PHE A 87 43.11 -22.41 -14.06
C PHE A 87 43.66 -23.73 -14.58
N PRO A 88 44.97 -23.81 -14.88
CA PRO A 88 45.99 -22.76 -14.77
C PRO A 88 45.89 -21.74 -15.90
N PRO A 89 46.35 -20.51 -15.70
CA PRO A 89 46.30 -19.52 -16.78
C PRO A 89 47.08 -19.99 -18.00
N ALA A 90 46.53 -19.68 -19.18
CA ALA A 90 47.16 -20.08 -20.44
C ALA A 90 48.50 -19.38 -20.62
N PRO A 96 41.22 -11.03 -21.35
CA PRO A 96 41.25 -10.04 -20.26
C PRO A 96 40.08 -10.20 -19.29
N LEU A 97 39.96 -9.28 -18.35
CA LEU A 97 38.91 -9.30 -17.33
C LEU A 97 37.94 -8.15 -17.55
N THR A 98 36.65 -8.43 -17.44
CA THR A 98 35.65 -7.39 -17.53
C THR A 98 35.65 -6.55 -16.26
N ARG A 99 35.05 -5.36 -16.36
CA ARG A 99 35.08 -4.42 -15.24
C ARG A 99 34.43 -5.01 -13.99
N LEU A 100 33.49 -5.94 -14.16
CA LEU A 100 32.89 -6.62 -13.02
C LEU A 100 33.76 -7.75 -12.49
N GLN A 101 34.47 -8.46 -13.38
CA GLN A 101 35.28 -9.58 -12.95
C GLN A 101 36.39 -9.15 -12.00
N GLU A 102 37.04 -8.01 -12.30
CA GLU A 102 38.13 -7.55 -11.44
C GLU A 102 37.62 -7.23 -10.03
N ARG A 103 36.49 -6.54 -9.94
CA ARG A 103 35.93 -6.23 -8.63
C ARG A 103 35.51 -7.49 -7.90
N LEU A 104 34.91 -8.44 -8.62
CA LEU A 104 34.49 -9.69 -7.98
C LEU A 104 35.70 -10.45 -7.44
N ILE A 105 36.78 -10.52 -8.21
CA ILE A 105 37.99 -11.18 -7.76
C ILE A 105 38.55 -10.48 -6.53
N LYS A 106 38.61 -9.14 -6.57
CA LYS A 106 39.16 -8.41 -5.44
C LYS A 106 38.35 -8.66 -4.18
N LYS A 107 37.02 -8.65 -4.30
CA LYS A 107 36.18 -8.93 -3.13
C LYS A 107 36.36 -10.37 -2.65
N LEU A 108 36.51 -11.32 -3.57
CA LEU A 108 36.58 -12.73 -3.21
C LEU A 108 38.00 -13.21 -2.96
N GLY A 109 38.99 -12.33 -3.09
CA GLY A 109 40.37 -12.69 -2.76
C GLY A 109 41.23 -12.94 -3.98
N GLU A 110 42.14 -13.90 -3.88
CA GLU A 110 43.04 -14.26 -4.97
C GLU A 110 42.91 -15.71 -5.40
N HIS A 111 42.04 -16.49 -4.77
CA HIS A 111 41.82 -17.88 -5.14
C HIS A 111 40.76 -18.05 -6.21
N ALA A 112 40.16 -16.95 -6.69
CA ALA A 112 39.15 -17.00 -7.74
C ALA A 112 39.79 -16.63 -9.07
N TYR A 113 39.41 -17.34 -10.12
CA TYR A 113 39.95 -17.12 -11.46
C TYR A 113 38.82 -16.79 -12.43
N PRO A 114 38.99 -15.81 -13.31
CA PRO A 114 37.89 -15.44 -14.21
C PRO A 114 37.85 -16.27 -15.48
N PHE A 115 36.65 -16.37 -16.04
CA PHE A 115 36.42 -17.01 -17.33
C PHE A 115 35.46 -16.14 -18.14
N THR A 116 35.55 -16.26 -19.46
CA THR A 116 34.71 -15.47 -20.35
C THR A 116 34.48 -16.22 -21.65
N PHE A 117 33.28 -16.05 -22.19
CA PHE A 117 32.91 -16.56 -23.50
C PHE A 117 32.34 -15.42 -24.33
N GLU A 118 32.58 -15.49 -25.64
CA GLU A 118 32.02 -14.54 -26.60
C GLU A 118 31.22 -15.35 -27.62
N ILE A 119 29.91 -15.41 -27.43
CA ILE A 119 29.04 -16.20 -28.30
C ILE A 119 29.04 -15.56 -29.69
N PRO A 120 29.04 -16.33 -30.76
CA PRO A 120 29.04 -15.72 -32.09
C PRO A 120 27.61 -15.54 -32.61
N PRO A 121 27.39 -14.58 -33.50
CA PRO A 121 26.05 -14.44 -34.08
C PRO A 121 25.64 -15.68 -34.86
N ASN A 122 24.39 -15.71 -35.35
CA ASN A 122 23.79 -16.79 -36.10
C ASN A 122 23.36 -17.95 -35.21
N LEU A 123 23.67 -17.90 -33.91
CA LEU A 123 23.16 -18.94 -33.02
C LEU A 123 21.74 -18.61 -32.58
N PRO A 124 20.94 -19.61 -32.22
CA PRO A 124 19.53 -19.34 -31.90
C PRO A 124 19.37 -18.52 -30.63
N CYS A 125 18.12 -18.23 -30.27
CA CYS A 125 17.77 -17.60 -29.00
C CYS A 125 16.89 -18.55 -28.21
N SER A 126 16.95 -18.44 -26.88
CA SER A 126 16.27 -19.41 -26.03
C SER A 126 14.77 -19.40 -26.28
N VAL A 127 14.21 -20.60 -26.39
CA VAL A 127 12.78 -20.78 -26.62
C VAL A 127 12.40 -22.16 -26.11
N THR A 128 11.18 -22.29 -25.62
CA THR A 128 10.67 -23.55 -25.08
C THR A 128 9.34 -23.88 -25.73
N LEU A 129 8.93 -25.14 -25.61
CA LEU A 129 7.64 -25.59 -26.09
C LEU A 129 6.76 -25.89 -24.88
N GLN A 130 5.59 -25.28 -24.84
CA GLN A 130 4.73 -25.39 -23.68
C GLN A 130 4.22 -26.83 -23.56
N PRO A 131 4.44 -27.52 -22.43
CA PRO A 131 3.94 -28.88 -22.28
C PRO A 131 2.45 -28.93 -21.93
N CYS A 140 11.96 -28.46 -23.41
CA CYS A 140 12.40 -28.64 -24.78
C CYS A 140 12.95 -27.33 -25.34
N GLY A 141 13.24 -27.31 -26.63
CA GLY A 141 13.70 -26.11 -27.29
C GLY A 141 15.17 -25.84 -27.06
N VAL A 142 15.58 -24.64 -27.49
CA VAL A 142 16.97 -24.22 -27.39
C VAL A 142 17.20 -23.56 -26.04
N ASP A 143 18.22 -24.01 -25.32
CA ASP A 143 18.58 -23.45 -24.03
C ASP A 143 20.10 -23.33 -23.94
N TYR A 144 20.55 -22.49 -23.01
CA TYR A 144 21.97 -22.27 -22.78
C TYR A 144 22.34 -22.65 -21.36
N GLU A 145 23.64 -22.79 -21.12
CA GLU A 145 24.12 -23.21 -19.80
C GLU A 145 25.59 -22.87 -19.66
N VAL A 146 25.99 -22.53 -18.44
CA VAL A 146 27.39 -22.28 -18.10
C VAL A 146 27.80 -23.29 -17.03
N LYS A 147 28.80 -24.11 -17.33
CA LYS A 147 29.22 -25.19 -16.45
C LYS A 147 30.68 -25.03 -16.10
N ALA A 148 31.06 -25.52 -14.93
CA ALA A 148 32.44 -25.49 -14.47
C ALA A 148 32.76 -26.80 -13.75
N PHE A 149 33.91 -27.38 -14.07
CA PHE A 149 34.28 -28.67 -13.48
C PHE A 149 35.79 -28.81 -13.45
N CYS A 150 36.29 -29.49 -12.42
CA CYS A 150 37.73 -29.72 -12.25
C CYS A 150 38.09 -31.05 -12.90
N ALA A 151 38.65 -30.97 -14.10
CA ALA A 151 39.11 -32.13 -14.85
C ALA A 151 40.56 -31.94 -15.24
N GLU A 152 41.39 -32.94 -14.98
CA GLU A 152 42.81 -32.87 -15.29
C GLU A 152 43.08 -33.36 -16.71
N LYS A 160 30.36 -35.30 -9.69
CA LYS A 160 29.15 -34.62 -9.25
C LYS A 160 29.50 -33.39 -8.42
N ARG A 161 30.33 -33.58 -7.39
CA ARG A 161 30.75 -32.46 -6.57
C ARG A 161 31.56 -31.46 -7.37
N ASN A 162 32.46 -31.93 -8.23
CA ASN A 162 33.27 -31.04 -9.06
C ASN A 162 32.58 -30.73 -10.39
N SER A 163 31.32 -30.31 -10.29
CA SER A 163 30.54 -29.96 -11.49
C SER A 163 29.41 -29.03 -11.05
N VAL A 164 29.49 -27.76 -11.46
CA VAL A 164 28.49 -26.75 -11.11
C VAL A 164 27.95 -26.16 -12.40
N ARG A 165 26.63 -26.20 -12.55
CA ARG A 165 25.96 -25.74 -13.78
C ARG A 165 24.93 -24.69 -13.43
N LEU A 166 24.95 -23.57 -14.16
CA LEU A 166 24.01 -22.48 -13.99
C LEU A 166 23.33 -22.21 -15.32
N VAL A 167 22.00 -22.14 -15.31
CA VAL A 167 21.25 -21.95 -16.55
C VAL A 167 21.18 -20.47 -16.88
N ILE A 168 21.41 -20.14 -18.15
CA ILE A 168 21.27 -18.77 -18.64
C ILE A 168 20.29 -18.78 -19.80
N ARG A 169 20.05 -17.61 -20.40
CA ARG A 169 19.09 -17.48 -21.49
C ARG A 169 19.63 -16.54 -22.55
N LYS A 170 19.35 -16.89 -23.80
CA LYS A 170 19.58 -16.00 -24.94
C LYS A 170 18.24 -15.43 -25.38
N VAL A 171 18.16 -14.09 -25.44
CA VAL A 171 16.91 -13.40 -25.73
C VAL A 171 17.25 -12.12 -26.48
N GLN A 172 16.23 -11.48 -27.04
CA GLN A 172 16.44 -10.30 -27.87
C GLN A 172 15.33 -9.28 -27.63
N TYR A 173 15.67 -8.01 -27.81
CA TYR A 173 14.72 -6.92 -27.69
C TYR A 173 13.92 -6.78 -28.98
N ALA A 174 13.10 -5.74 -29.07
CA ALA A 174 12.34 -5.44 -30.27
C ALA A 174 13.10 -4.44 -31.13
N PRO A 175 12.90 -4.46 -32.45
CA PRO A 175 13.58 -3.47 -33.29
C PRO A 175 13.31 -2.05 -32.85
N GLU A 176 14.35 -1.21 -32.84
CA GLU A 176 14.23 0.13 -32.30
C GLU A 176 13.40 1.05 -33.19
N ARG A 177 13.18 0.69 -34.45
CA ARG A 177 12.42 1.51 -35.38
C ARG A 177 11.41 0.64 -36.12
N PRO A 178 10.24 1.19 -36.43
CA PRO A 178 9.20 0.38 -37.08
C PRO A 178 9.48 0.19 -38.57
N GLY A 179 8.85 -0.85 -39.12
CA GLY A 179 8.91 -1.11 -40.54
C GLY A 179 7.72 -0.52 -41.26
N PRO A 180 7.61 -0.79 -42.56
CA PRO A 180 6.45 -0.28 -43.31
C PRO A 180 5.16 -0.89 -42.81
N GLN A 181 4.08 -0.12 -42.94
CA GLN A 181 2.79 -0.57 -42.46
C GLN A 181 2.36 -1.83 -43.20
N PRO A 182 1.91 -2.88 -42.49
CA PRO A 182 1.41 -4.07 -43.21
C PRO A 182 0.08 -3.83 -43.89
N THR A 183 0.07 -3.79 -45.22
CA THR A 183 -1.14 -3.66 -46.01
C THR A 183 -1.22 -4.83 -46.98
N ALA A 184 -2.41 -5.43 -47.10
CA ALA A 184 -2.59 -6.59 -47.96
C ALA A 184 -3.99 -6.57 -48.54
N GLU A 185 -4.07 -6.54 -49.87
CA GLU A 185 -5.35 -6.50 -50.58
C GLU A 185 -5.38 -7.58 -51.64
N THR A 186 -6.59 -8.08 -51.91
CA THR A 186 -6.78 -9.12 -52.92
C THR A 186 -8.05 -8.81 -53.71
N THR A 187 -8.35 -9.67 -54.68
CA THR A 187 -9.58 -9.53 -55.47
C THR A 187 -9.94 -10.92 -55.98
N ARG A 188 -10.92 -11.54 -55.31
CA ARG A 188 -11.35 -12.90 -55.63
C ARG A 188 -12.67 -12.83 -56.37
N GLN A 189 -12.72 -13.45 -57.56
CA GLN A 189 -13.88 -13.38 -58.42
C GLN A 189 -14.35 -14.80 -58.76
N PHE A 190 -15.66 -14.93 -58.98
CA PHE A 190 -16.28 -16.19 -59.38
C PHE A 190 -16.85 -16.06 -60.77
N LEU A 191 -17.12 -17.21 -61.39
CA LEU A 191 -17.65 -17.22 -62.75
C LEU A 191 -19.01 -16.56 -62.81
N MET A 192 -19.87 -16.81 -61.83
CA MET A 192 -21.23 -16.28 -61.86
C MET A 192 -21.23 -14.76 -61.90
N SER A 193 -20.38 -14.13 -61.09
CA SER A 193 -20.33 -12.68 -61.01
C SER A 193 -19.36 -12.12 -62.05
N ASP A 194 -19.66 -10.90 -62.50
CA ASP A 194 -18.84 -10.21 -63.49
C ASP A 194 -18.14 -8.99 -62.92
N LYS A 195 -18.11 -8.83 -61.61
CA LYS A 195 -17.49 -7.70 -60.94
C LYS A 195 -16.62 -8.20 -59.80
N PRO A 196 -15.62 -7.42 -59.40
CA PRO A 196 -14.69 -7.88 -58.37
C PRO A 196 -15.28 -7.81 -56.97
N LEU A 197 -14.71 -8.63 -56.09
CA LEU A 197 -14.99 -8.62 -54.66
C LEU A 197 -13.70 -8.14 -53.99
N HIS A 198 -13.59 -6.82 -53.83
CA HIS A 198 -12.34 -6.19 -53.40
C HIS A 198 -12.23 -6.29 -51.89
N LEU A 199 -11.32 -7.14 -51.42
CA LEU A 199 -11.04 -7.29 -49.99
C LEU A 199 -9.69 -6.67 -49.66
N GLU A 200 -9.61 -6.00 -48.52
CA GLU A 200 -8.38 -5.33 -48.12
C GLU A 200 -8.27 -5.35 -46.61
N ALA A 201 -7.04 -5.41 -46.12
CA ALA A 201 -6.78 -5.39 -44.68
C ALA A 201 -5.46 -4.69 -44.43
N SER A 202 -5.33 -4.12 -43.23
CA SER A 202 -4.08 -3.48 -42.86
C SER A 202 -4.01 -3.33 -41.35
N LEU A 203 -2.78 -3.32 -40.84
CA LEU A 203 -2.51 -3.04 -39.43
C LEU A 203 -1.95 -1.64 -39.29
N ASP A 204 -1.91 -1.14 -38.06
CA ASP A 204 -1.45 0.21 -37.80
C ASP A 204 0.08 0.31 -37.69
N LYS A 205 0.77 -0.81 -37.53
CA LYS A 205 2.23 -0.82 -37.46
C LYS A 205 2.68 -2.27 -37.36
N GLU A 206 3.99 -2.48 -37.48
CA GLU A 206 4.56 -3.81 -37.49
C GLU A 206 5.09 -4.27 -36.14
N ILE A 207 5.44 -3.34 -35.25
CA ILE A 207 6.05 -3.68 -33.96
C ILE A 207 4.95 -3.60 -32.91
N TYR A 208 4.59 -4.77 -32.36
CA TYR A 208 3.56 -4.89 -31.33
C TYR A 208 4.14 -5.64 -30.14
N TYR A 209 4.45 -4.91 -29.08
CA TYR A 209 5.00 -5.52 -27.87
C TYR A 209 4.05 -6.56 -27.30
N HIS A 210 4.51 -7.35 -26.36
CA HIS A 210 3.62 -8.30 -25.71
C HIS A 210 2.60 -7.56 -24.84
N GLY A 211 1.39 -8.12 -24.78
CA GLY A 211 0.33 -7.46 -24.06
C GLY A 211 -0.05 -6.11 -24.64
N GLU A 212 -0.20 -6.04 -25.96
CA GLU A 212 -0.61 -4.81 -26.63
C GLU A 212 -1.71 -5.16 -27.62
N PRO A 213 -2.82 -4.43 -27.65
CA PRO A 213 -3.88 -4.75 -28.62
C PRO A 213 -3.50 -4.35 -30.03
N ILE A 214 -3.88 -5.19 -30.99
CA ILE A 214 -3.57 -5.00 -32.40
C ILE A 214 -4.84 -4.62 -33.13
N SER A 215 -4.82 -3.48 -33.82
CA SER A 215 -5.99 -2.97 -34.53
C SER A 215 -5.92 -3.43 -35.99
N VAL A 216 -6.96 -4.13 -36.43
CA VAL A 216 -6.98 -4.71 -37.78
C VAL A 216 -8.04 -4.01 -38.62
N ASN A 217 -7.63 -3.01 -39.40
CA ASN A 217 -8.54 -2.29 -40.27
C ASN A 217 -8.91 -3.17 -41.46
N VAL A 218 -10.18 -3.52 -41.59
CA VAL A 218 -10.68 -4.39 -42.64
C VAL A 218 -11.63 -3.59 -43.52
N HIS A 219 -11.52 -3.78 -44.83
CA HIS A 219 -12.40 -3.16 -45.80
C HIS A 219 -12.83 -4.20 -46.81
N VAL A 220 -14.09 -4.09 -47.24
CA VAL A 220 -14.65 -4.98 -48.24
C VAL A 220 -15.48 -4.14 -49.20
N THR A 221 -15.54 -4.59 -50.46
CA THR A 221 -16.38 -3.97 -51.47
C THR A 221 -16.92 -5.09 -52.35
N ASN A 222 -18.18 -5.48 -52.11
CA ASN A 222 -18.78 -6.63 -52.77
C ASN A 222 -19.70 -6.11 -53.87
N ASN A 223 -19.24 -6.24 -55.11
CA ASN A 223 -20.08 -6.00 -56.28
C ASN A 223 -20.64 -7.30 -56.85
N THR A 224 -20.39 -8.42 -56.18
CA THR A 224 -20.86 -9.72 -56.65
C THR A 224 -22.30 -9.94 -56.20
N ASN A 225 -22.78 -11.18 -56.34
CA ASN A 225 -24.15 -11.53 -55.96
C ASN A 225 -24.23 -12.39 -54.70
N LYS A 226 -23.15 -13.09 -54.35
CA LYS A 226 -23.18 -13.92 -53.17
C LYS A 226 -23.18 -13.06 -51.90
N THR A 227 -23.64 -13.66 -50.80
CA THR A 227 -23.77 -12.97 -49.54
C THR A 227 -22.52 -13.17 -48.70
N VAL A 228 -21.95 -12.07 -48.21
CA VAL A 228 -20.79 -12.13 -47.30
C VAL A 228 -21.33 -12.51 -45.93
N LYS A 229 -21.26 -13.81 -45.61
CA LYS A 229 -21.88 -14.30 -44.38
C LYS A 229 -21.18 -13.76 -43.15
N LYS A 230 -19.89 -14.07 -42.99
CA LYS A 230 -19.21 -13.86 -41.72
C LYS A 230 -17.82 -13.30 -41.97
N ILE A 231 -17.24 -12.69 -40.95
CA ILE A 231 -15.88 -12.16 -41.00
C ILE A 231 -15.09 -12.74 -39.83
N LYS A 232 -13.82 -13.04 -40.07
CA LYS A 232 -12.93 -13.56 -39.04
C LYS A 232 -11.62 -12.79 -39.10
N ILE A 233 -11.05 -12.51 -37.94
CA ILE A 233 -9.72 -11.94 -37.82
C ILE A 233 -8.95 -12.78 -36.82
N SER A 234 -7.68 -13.02 -37.10
CA SER A 234 -6.89 -13.86 -36.21
C SER A 234 -5.44 -13.38 -36.21
N VAL A 235 -4.76 -13.71 -35.12
CA VAL A 235 -3.32 -13.54 -35.01
C VAL A 235 -2.75 -14.93 -34.75
N ARG A 236 -1.82 -15.35 -35.61
CA ARG A 236 -1.34 -16.72 -35.66
C ARG A 236 0.18 -16.75 -35.65
N GLN A 237 0.71 -17.83 -35.10
CA GLN A 237 2.14 -18.01 -34.88
C GLN A 237 2.71 -19.04 -35.84
N TYR A 238 3.86 -18.72 -36.42
CA TYR A 238 4.61 -19.64 -37.27
C TYR A 238 5.93 -19.92 -36.57
N ALA A 239 6.06 -21.15 -36.06
CA ALA A 239 7.24 -21.59 -35.31
C ALA A 239 7.81 -22.81 -36.04
N ASP A 240 8.88 -22.60 -36.79
CA ASP A 240 9.51 -23.65 -37.57
C ASP A 240 10.74 -24.16 -36.81
N ILE A 241 10.77 -25.45 -36.54
CA ILE A 241 11.88 -26.07 -35.83
C ILE A 241 13.07 -26.22 -36.78
N GLN A 248 6.79 -28.08 -38.41
CA GLN A 248 6.16 -26.78 -38.31
C GLN A 248 4.71 -26.92 -37.87
N TYR A 249 4.17 -25.85 -37.28
CA TYR A 249 2.80 -25.85 -36.79
C TYR A 249 2.31 -24.41 -36.76
N LYS A 250 0.99 -24.26 -36.68
CA LYS A 250 0.37 -22.93 -36.71
C LYS A 250 -0.79 -22.93 -35.73
N CYS A 251 -0.57 -22.37 -34.55
CA CYS A 251 -1.60 -22.27 -33.53
C CYS A 251 -2.22 -20.87 -33.53
N PRO A 252 -3.55 -20.75 -33.56
CA PRO A 252 -4.15 -19.40 -33.54
C PRO A 252 -4.13 -18.81 -32.14
N VAL A 253 -3.24 -17.85 -31.90
CA VAL A 253 -3.10 -17.28 -30.55
C VAL A 253 -4.28 -16.36 -30.26
N ALA A 254 -4.72 -15.58 -31.24
CA ALA A 254 -5.84 -14.66 -31.04
C ALA A 254 -6.88 -14.86 -32.14
N MET A 255 -8.15 -14.77 -31.75
CA MET A 255 -9.26 -14.92 -32.69
C MET A 255 -10.33 -13.90 -32.38
N GLU A 256 -11.07 -13.50 -33.42
CA GLU A 256 -12.17 -12.55 -33.28
C GLU A 256 -13.12 -12.78 -34.45
N GLU A 257 -14.29 -13.33 -34.16
CA GLU A 257 -15.26 -13.72 -35.18
C GLU A 257 -16.47 -12.81 -35.10
N ALA A 258 -16.81 -12.17 -36.21
CA ALA A 258 -17.93 -11.25 -36.28
C ALA A 258 -18.95 -11.74 -37.31
N ASP A 259 -20.23 -11.61 -36.95
CA ASP A 259 -21.33 -12.01 -37.83
C ASP A 259 -21.75 -10.89 -38.77
N ASP A 260 -20.88 -9.91 -39.02
CA ASP A 260 -21.21 -8.81 -39.91
C ASP A 260 -21.49 -9.35 -41.31
N THR A 261 -22.52 -8.78 -41.95
CA THR A 261 -22.95 -9.20 -43.27
C THR A 261 -22.94 -8.00 -44.20
N VAL A 262 -22.33 -8.17 -45.37
CA VAL A 262 -22.30 -7.13 -46.40
C VAL A 262 -23.19 -7.61 -47.54
N ALA A 263 -24.26 -6.87 -47.81
CA ALA A 263 -25.19 -7.26 -48.85
C ALA A 263 -24.56 -7.06 -50.22
N PRO A 264 -25.08 -7.74 -51.24
CA PRO A 264 -24.51 -7.59 -52.58
C PRO A 264 -24.52 -6.13 -53.03
N SER A 265 -23.47 -5.74 -53.74
CA SER A 265 -23.32 -4.38 -54.25
C SER A 265 -23.28 -3.36 -53.12
N SER A 266 -22.32 -3.56 -52.20
CA SER A 266 -22.20 -2.67 -51.05
C SER A 266 -20.77 -2.71 -50.53
N THR A 267 -20.41 -1.68 -49.77
CA THR A 267 -19.09 -1.54 -49.20
C THR A 267 -19.12 -1.95 -47.72
N PHE A 268 -17.96 -1.88 -47.07
CA PHE A 268 -17.85 -2.19 -45.66
C PHE A 268 -16.49 -1.76 -45.17
N CYS A 269 -16.45 -1.16 -43.98
CA CYS A 269 -15.20 -0.74 -43.34
C CYS A 269 -15.35 -0.90 -41.84
N LYS A 270 -14.37 -1.52 -41.20
CA LYS A 270 -14.48 -1.76 -39.76
C LYS A 270 -13.10 -1.98 -39.16
N VAL A 271 -12.89 -1.41 -37.97
CA VAL A 271 -11.66 -1.57 -37.22
C VAL A 271 -11.90 -2.55 -36.09
N TYR A 272 -11.13 -3.63 -36.06
CA TYR A 272 -11.22 -4.63 -35.02
C TYR A 272 -10.09 -4.41 -34.02
N THR A 273 -9.97 -5.31 -33.04
CA THR A 273 -8.90 -5.22 -32.07
C THR A 273 -8.69 -6.58 -31.43
N LEU A 274 -7.45 -7.08 -31.47
CA LEU A 274 -7.07 -8.34 -30.86
C LEU A 274 -5.88 -8.12 -29.95
N THR A 275 -5.86 -8.85 -28.83
CA THR A 275 -4.74 -8.84 -27.91
C THR A 275 -4.31 -10.28 -27.66
N PRO A 276 -3.21 -10.75 -28.25
CA PRO A 276 -2.73 -12.11 -27.96
C PRO A 276 -1.94 -12.13 -26.66
N PHE A 277 -2.45 -12.87 -25.68
CA PHE A 277 -1.73 -13.11 -24.44
C PHE A 277 -1.93 -14.57 -24.03
N LEU A 278 -1.34 -14.94 -22.90
CA LEU A 278 -1.22 -16.32 -22.49
C LEU A 278 -2.38 -16.79 -21.61
N ALA A 279 -3.35 -15.93 -21.33
CA ALA A 279 -4.46 -16.32 -20.47
C ALA A 279 -5.27 -17.45 -21.11
N ASN A 280 -5.52 -17.36 -22.41
CA ASN A 280 -6.34 -18.32 -23.14
C ASN A 280 -5.51 -19.29 -23.97
N ASN A 281 -4.23 -19.45 -23.65
CA ASN A 281 -3.31 -20.28 -24.42
C ASN A 281 -2.49 -21.16 -23.50
N ARG A 282 -3.16 -21.84 -22.56
CA ARG A 282 -2.50 -22.72 -21.63
C ARG A 282 -2.86 -24.19 -21.81
N GLU A 283 -3.85 -24.49 -22.65
CA GLU A 283 -4.16 -25.86 -23.04
C GLU A 283 -3.56 -26.24 -24.37
N LYS A 284 -2.80 -25.33 -25.00
CA LYS A 284 -2.21 -25.58 -26.32
C LYS A 284 -0.83 -26.18 -26.12
N ARG A 285 -0.72 -27.49 -26.36
CA ARG A 285 0.58 -28.14 -26.35
C ARG A 285 1.38 -27.73 -27.58
N GLY A 286 2.69 -27.57 -27.40
CA GLY A 286 3.57 -27.21 -28.49
C GLY A 286 3.65 -25.72 -28.79
N LEU A 287 3.03 -24.88 -27.98
CA LEU A 287 3.13 -23.44 -28.21
C LEU A 287 4.54 -22.95 -27.91
N ALA A 288 5.00 -22.01 -28.72
CA ALA A 288 6.37 -21.50 -28.62
C ALA A 288 6.41 -20.41 -27.56
N LEU A 289 6.85 -20.79 -26.37
CA LEU A 289 7.00 -19.85 -25.26
C LEU A 289 8.42 -19.33 -25.20
N ASP A 290 8.58 -18.10 -24.71
CA ASP A 290 9.91 -17.55 -24.48
C ASP A 290 10.66 -18.44 -23.50
N GLY A 291 11.98 -18.30 -23.44
CA GLY A 291 12.77 -19.12 -22.55
C GLY A 291 12.73 -18.63 -21.12
N LYS A 292 12.67 -19.57 -20.19
CA LYS A 292 12.54 -19.28 -18.77
C LYS A 292 13.70 -19.91 -18.01
N LEU A 293 14.07 -19.29 -16.88
CA LEU A 293 15.24 -19.74 -16.15
C LEU A 293 15.00 -21.11 -15.50
N LYS A 294 14.06 -21.19 -14.55
CA LYS A 294 13.78 -22.47 -13.92
C LYS A 294 12.36 -22.96 -14.19
N HIS A 295 11.36 -22.24 -13.71
CA HIS A 295 9.97 -22.58 -13.99
C HIS A 295 9.04 -21.39 -14.11
N GLU A 296 9.56 -20.16 -14.02
CA GLU A 296 8.69 -18.99 -13.97
C GLU A 296 7.82 -18.89 -15.22
N ASP A 297 6.61 -18.39 -15.06
CA ASP A 297 5.73 -18.17 -16.20
C ASP A 297 6.31 -17.08 -17.08
N THR A 298 6.31 -17.31 -18.40
CA THR A 298 6.86 -16.38 -19.37
C THR A 298 5.82 -16.06 -20.43
N ASN A 299 6.15 -15.08 -21.26
CA ASN A 299 5.24 -14.61 -22.29
C ASN A 299 5.46 -15.38 -23.59
N LEU A 300 4.58 -15.11 -24.55
CA LEU A 300 4.66 -15.79 -25.84
C LEU A 300 5.96 -15.47 -26.54
N ALA A 301 6.56 -16.48 -27.16
CA ALA A 301 7.87 -16.36 -27.78
C ALA A 301 7.95 -15.13 -28.66
N SER A 302 9.07 -14.41 -28.62
CA SER A 302 9.25 -13.21 -29.41
C SER A 302 9.57 -13.58 -30.86
N SER A 303 9.58 -12.57 -31.72
CA SER A 303 10.01 -12.77 -33.09
C SER A 303 11.50 -13.04 -33.15
N THR A 304 11.94 -13.65 -34.25
CA THR A 304 13.32 -14.02 -34.47
C THR A 304 13.91 -13.04 -35.48
N LEU A 305 14.50 -11.96 -34.99
CA LEU A 305 15.13 -10.98 -35.87
C LEU A 305 16.34 -11.60 -36.57
N LEU A 306 16.39 -11.44 -37.89
CA LEU A 306 17.48 -12.00 -38.68
C LEU A 306 17.99 -10.96 -39.68
N ILE A 314 20.69 -20.71 -39.95
CA ILE A 314 20.50 -20.52 -38.52
C ILE A 314 19.67 -21.67 -37.97
N LEU A 315 20.24 -22.39 -37.01
CA LEU A 315 19.60 -23.56 -36.43
C LEU A 315 18.58 -23.12 -35.39
N GLY A 316 18.05 -24.08 -34.63
CA GLY A 316 17.09 -23.79 -33.58
C GLY A 316 15.67 -23.68 -34.09
N ILE A 317 14.87 -22.84 -33.45
CA ILE A 317 13.47 -22.63 -33.80
C ILE A 317 13.27 -21.17 -34.15
N ILE A 318 12.67 -20.91 -35.30
CA ILE A 318 12.42 -19.56 -35.80
C ILE A 318 10.93 -19.28 -35.64
N VAL A 319 10.61 -18.15 -35.02
CA VAL A 319 9.24 -17.79 -34.66
C VAL A 319 8.89 -16.44 -35.28
N SER A 320 7.69 -16.36 -35.83
CA SER A 320 7.16 -15.11 -36.36
C SER A 320 5.65 -15.12 -36.23
N TYR A 321 5.03 -13.95 -36.44
CA TYR A 321 3.59 -13.79 -36.22
C TYR A 321 2.93 -13.04 -37.38
N LYS A 322 1.73 -13.51 -37.76
CA LYS A 322 0.97 -12.91 -38.85
C LYS A 322 -0.48 -12.70 -38.46
N VAL A 323 -1.06 -11.62 -38.98
CA VAL A 323 -2.48 -11.31 -38.80
C VAL A 323 -3.22 -11.69 -40.07
N LYS A 324 -4.30 -12.43 -39.92
CA LYS A 324 -5.10 -12.93 -41.03
C LYS A 324 -6.50 -12.37 -40.96
N VAL A 325 -7.01 -11.90 -42.11
CA VAL A 325 -8.38 -11.43 -42.26
C VAL A 325 -9.06 -12.34 -43.28
N LYS A 326 -10.20 -12.91 -42.89
CA LYS A 326 -10.90 -13.89 -43.71
C LYS A 326 -12.37 -13.52 -43.82
N LEU A 327 -12.93 -13.70 -45.00
CA LEU A 327 -14.34 -13.42 -45.27
C LEU A 327 -15.02 -14.70 -45.71
N VAL A 328 -15.92 -15.22 -44.87
CA VAL A 328 -16.70 -16.40 -45.19
C VAL A 328 -17.91 -15.95 -45.98
N VAL A 329 -17.98 -16.37 -47.24
CA VAL A 329 -19.02 -15.95 -48.17
C VAL A 329 -19.96 -17.11 -48.43
N SER A 330 -21.19 -16.78 -48.77
CA SER A 330 -22.20 -17.79 -49.09
C SER A 330 -21.82 -18.58 -50.33
N SER A 341 -15.50 -20.89 -50.72
CA SER A 341 -15.66 -19.62 -51.40
C SER A 341 -15.35 -18.45 -50.47
N ASP A 342 -14.50 -18.69 -49.48
CA ASP A 342 -14.12 -17.68 -48.50
C ASP A 342 -12.79 -17.06 -48.92
N VAL A 343 -12.73 -15.74 -48.89
CA VAL A 343 -11.51 -15.03 -49.26
C VAL A 343 -10.64 -14.89 -48.02
N ALA A 344 -9.34 -14.73 -48.24
CA ALA A 344 -8.39 -14.60 -47.13
C ALA A 344 -7.28 -13.64 -47.52
N VAL A 345 -6.64 -13.07 -46.50
CA VAL A 345 -5.50 -12.19 -46.70
C VAL A 345 -4.68 -12.20 -45.41
N GLU A 346 -3.38 -11.98 -45.53
CA GLU A 346 -2.48 -12.08 -44.39
C GLU A 346 -1.43 -10.97 -44.45
N LEU A 347 -0.93 -10.61 -43.27
CA LEU A 347 0.12 -9.61 -43.12
C LEU A 347 1.07 -10.04 -42.01
N PRO A 348 2.32 -9.59 -42.04
CA PRO A 348 3.25 -9.91 -40.96
C PRO A 348 3.32 -8.80 -39.91
N PHE A 349 3.73 -9.19 -38.70
CA PHE A 349 4.06 -8.20 -37.67
C PHE A 349 5.08 -8.80 -36.73
N THR A 350 5.59 -7.95 -35.83
CA THR A 350 6.70 -8.29 -34.94
C THR A 350 6.22 -8.24 -33.49
N LEU A 351 6.22 -9.39 -32.83
CA LEU A 351 5.81 -9.49 -31.43
C LEU A 351 7.05 -9.72 -30.56
N MET A 352 7.44 -8.71 -29.77
CA MET A 352 8.64 -8.84 -28.96
C MET A 352 8.51 -8.05 -27.64
N HIS A 353 9.63 -7.78 -26.98
CA HIS A 353 9.65 -6.97 -25.74
C HIS A 353 10.35 -5.66 -26.03
N PRO A 354 9.97 -4.57 -25.35
CA PRO A 354 10.68 -3.29 -25.55
C PRO A 354 12.08 -3.31 -24.98
N LYS A 355 12.76 -2.17 -25.05
CA LYS A 355 14.08 -2.01 -24.45
C LYS A 355 14.00 -1.02 -23.30
N PRO A 356 14.41 -1.38 -22.09
CA PRO A 356 14.31 -0.43 -20.97
C PRO A 356 15.07 0.85 -21.25
N LYS A 357 14.51 1.96 -20.78
CA LYS A 357 15.14 3.27 -20.97
C LYS A 357 14.59 4.29 -19.99
N GLU B 4 1.82 10.16 -19.04
CA GLU B 4 1.92 9.65 -17.68
C GLU B 4 0.83 8.63 -17.39
N VAL B 5 1.05 7.79 -16.39
CA VAL B 5 0.09 6.76 -16.03
C VAL B 5 -0.99 7.36 -15.15
N GLN B 6 -2.22 6.90 -15.34
CA GLN B 6 -3.35 7.37 -14.55
C GLN B 6 -4.34 6.24 -14.37
N LEU B 7 -5.04 6.27 -13.24
CA LEU B 7 -6.15 5.37 -12.97
C LEU B 7 -7.34 6.18 -12.50
N VAL B 8 -8.52 5.85 -13.01
CA VAL B 8 -9.75 6.56 -12.69
C VAL B 8 -10.76 5.56 -12.15
N GLU B 9 -11.23 5.76 -10.93
CA GLU B 9 -12.25 4.91 -10.33
C GLU B 9 -13.63 5.52 -10.54
N SER B 10 -14.62 4.64 -10.70
CA SER B 10 -16.00 5.09 -10.82
C SER B 10 -16.93 3.98 -10.35
N GLY B 11 -18.13 4.36 -9.93
CA GLY B 11 -19.15 3.41 -9.55
C GLY B 11 -19.42 3.32 -8.06
N GLY B 12 -19.31 4.45 -7.36
CA GLY B 12 -19.54 4.50 -5.92
C GLY B 12 -20.82 5.22 -5.60
N GLY B 13 -21.61 4.61 -4.71
CA GLY B 13 -22.86 5.22 -4.29
C GLY B 13 -23.57 4.33 -3.29
N LEU B 14 -24.71 4.83 -2.83
CA LEU B 14 -25.50 4.09 -1.84
C LEU B 14 -26.09 2.83 -2.46
N VAL B 15 -26.29 1.82 -1.62
CA VAL B 15 -26.93 0.58 -2.05
C VAL B 15 -27.39 -0.17 -0.80
N GLN B 16 -28.58 -0.75 -0.87
CA GLN B 16 -29.11 -1.45 0.28
C GLN B 16 -28.30 -2.71 0.56
N PRO B 17 -28.31 -3.19 1.80
CA PRO B 17 -27.63 -4.45 2.11
C PRO B 17 -28.21 -5.60 1.28
N GLY B 18 -27.33 -6.48 0.83
CA GLY B 18 -27.71 -7.51 -0.12
C GLY B 18 -27.77 -7.04 -1.55
N GLY B 19 -27.39 -5.81 -1.84
CA GLY B 19 -27.42 -5.24 -3.17
C GLY B 19 -26.18 -5.57 -3.96
N SER B 20 -25.88 -4.73 -4.95
CA SER B 20 -24.74 -4.97 -5.82
C SER B 20 -24.27 -3.66 -6.43
N LEU B 21 -22.96 -3.52 -6.59
CA LEU B 21 -22.35 -2.42 -7.32
C LEU B 21 -21.27 -2.98 -8.24
N ARG B 22 -20.70 -2.09 -9.05
CA ARG B 22 -19.66 -2.49 -9.98
C ARG B 22 -18.69 -1.32 -10.14
N LEU B 23 -17.52 -1.43 -9.54
CA LEU B 23 -16.49 -0.42 -9.64
C LEU B 23 -15.66 -0.62 -10.89
N SER B 24 -15.39 0.48 -11.60
CA SER B 24 -14.60 0.46 -12.82
C SER B 24 -13.34 1.29 -12.61
N CYS B 25 -12.21 0.71 -12.99
CA CYS B 25 -10.91 1.38 -12.93
C CYS B 25 -10.37 1.48 -14.35
N ALA B 26 -10.31 2.71 -14.86
CA ALA B 26 -9.86 2.98 -16.22
C ALA B 26 -8.40 3.39 -16.19
N ALA B 27 -7.59 2.71 -17.00
CA ALA B 27 -6.15 2.87 -17.00
C ALA B 27 -5.71 3.67 -18.23
N SER B 28 -4.79 4.61 -18.02
CA SER B 28 -4.23 5.40 -19.09
C SER B 28 -2.72 5.46 -18.95
N GLY B 29 -2.02 5.54 -20.09
CA GLY B 29 -0.58 5.61 -20.09
C GLY B 29 0.13 4.28 -20.01
N PHE B 30 -0.61 3.17 -19.86
CA PHE B 30 0.00 1.85 -19.80
C PHE B 30 -1.05 0.83 -20.19
N ASN B 31 -0.63 -0.43 -20.27
CA ASN B 31 -1.47 -1.52 -20.70
C ASN B 31 -1.84 -2.38 -19.49
N VAL B 32 -3.13 -2.72 -19.40
CA VAL B 32 -3.62 -3.55 -18.30
C VAL B 32 -3.06 -4.97 -18.34
N SER B 33 -2.46 -5.37 -19.45
CA SER B 33 -1.94 -6.72 -19.58
C SER B 33 -0.52 -6.86 -19.06
N SER B 34 0.25 -5.78 -19.07
CA SER B 34 1.62 -5.77 -18.56
C SER B 34 1.70 -5.39 -17.08
N SER B 35 0.62 -5.55 -16.31
CA SER B 35 0.59 -5.06 -14.94
C SER B 35 -0.31 -5.94 -14.10
N TYR B 36 -0.19 -5.79 -12.78
CA TYR B 36 -1.13 -6.31 -11.81
C TYR B 36 -2.02 -5.16 -11.34
N ILE B 37 -3.32 -5.42 -11.20
CA ILE B 37 -4.28 -4.40 -10.78
C ILE B 37 -4.88 -4.83 -9.45
N HIS B 38 -4.87 -3.93 -8.46
CA HIS B 38 -5.29 -4.22 -7.11
C HIS B 38 -6.44 -3.30 -6.70
N TRP B 39 -7.40 -3.87 -5.97
CA TRP B 39 -8.47 -3.12 -5.31
C TRP B 39 -8.23 -3.16 -3.81
N VAL B 40 -8.21 -1.98 -3.19
CA VAL B 40 -7.97 -1.78 -1.77
C VAL B 40 -9.15 -0.99 -1.22
N ARG B 41 -9.33 -1.04 0.10
CA ARG B 41 -10.39 -0.25 0.73
C ARG B 41 -10.00 0.15 2.13
N GLN B 42 -10.45 1.33 2.55
CA GLN B 42 -10.26 1.83 3.90
C GLN B 42 -11.62 2.21 4.49
N ALA B 43 -11.96 1.60 5.63
CA ALA B 43 -13.22 1.88 6.28
C ALA B 43 -13.15 3.21 7.02
N PRO B 44 -14.28 3.76 7.45
CA PRO B 44 -14.25 5.01 8.24
C PRO B 44 -13.64 4.75 9.60
N GLY B 45 -12.58 5.50 9.92
CA GLY B 45 -11.88 5.30 11.18
C GLY B 45 -11.17 3.97 11.29
N LYS B 46 -10.48 3.56 10.23
CA LYS B 46 -9.70 2.33 10.25
C LYS B 46 -8.53 2.50 9.30
N GLY B 47 -7.80 1.40 9.04
CA GLY B 47 -6.63 1.42 8.21
C GLY B 47 -6.86 0.75 6.86
N LEU B 48 -5.84 0.82 6.02
CA LEU B 48 -5.91 0.27 4.68
C LEU B 48 -6.12 -1.24 4.72
N GLU B 49 -6.82 -1.76 3.73
CA GLU B 49 -7.05 -3.19 3.61
C GLU B 49 -7.12 -3.57 2.14
N TRP B 50 -6.40 -4.63 1.77
CA TRP B 50 -6.35 -5.09 0.39
C TRP B 50 -7.54 -5.99 0.09
N VAL B 51 -8.21 -5.72 -1.03
CA VAL B 51 -9.43 -6.44 -1.39
C VAL B 51 -9.10 -7.55 -2.38
N ALA B 52 -8.54 -7.19 -3.54
CA ALA B 52 -8.37 -8.19 -4.60
C ALA B 52 -7.29 -7.75 -5.59
N SER B 53 -6.90 -8.68 -6.45
CA SER B 53 -5.84 -8.45 -7.44
C SER B 53 -6.08 -9.31 -8.68
N ILE B 54 -5.72 -8.77 -9.83
CA ILE B 54 -5.88 -9.45 -11.12
C ILE B 54 -4.67 -9.23 -12.01
N SER B 55 -4.32 -10.25 -12.78
CA SER B 55 -3.40 -10.15 -13.91
C SER B 55 -4.11 -10.63 -15.16
N SER B 56 -4.26 -9.74 -16.14
CA SER B 56 -5.02 -10.06 -17.36
C SER B 56 -4.24 -11.01 -18.25
N TYR B 57 -2.95 -10.73 -18.47
CA TYR B 57 -2.16 -11.52 -19.41
C TYR B 57 -2.15 -13.00 -19.02
N TYR B 58 -1.80 -13.30 -17.77
CA TYR B 58 -1.75 -14.67 -17.30
C TYR B 58 -3.10 -15.17 -16.80
N GLY B 59 -4.08 -14.29 -16.60
CA GLY B 59 -5.38 -14.71 -16.12
C GLY B 59 -5.36 -15.18 -14.69
N TYR B 60 -4.87 -14.33 -13.78
CA TYR B 60 -4.79 -14.64 -12.37
C TYR B 60 -5.71 -13.74 -11.58
N THR B 61 -6.42 -14.32 -10.61
CA THR B 61 -7.33 -13.56 -9.75
C THR B 61 -7.14 -14.02 -8.31
N TYR B 62 -6.99 -13.06 -7.40
CA TYR B 62 -6.90 -13.33 -5.97
C TYR B 62 -7.84 -12.37 -5.23
N TYR B 63 -8.47 -12.88 -4.16
CA TYR B 63 -9.33 -12.07 -3.31
C TYR B 63 -9.00 -12.34 -1.85
N ALA B 64 -9.21 -11.33 -1.01
CA ALA B 64 -9.07 -11.52 0.42
C ALA B 64 -10.14 -12.50 0.91
N ASP B 65 -9.99 -12.93 2.17
CA ASP B 65 -10.95 -13.88 2.75
C ASP B 65 -12.28 -13.23 3.08
N SER B 66 -12.31 -11.91 3.24
CA SER B 66 -13.54 -11.21 3.57
C SER B 66 -14.38 -10.84 2.35
N VAL B 67 -13.85 -11.03 1.14
CA VAL B 67 -14.58 -10.67 -0.07
C VAL B 67 -14.53 -11.82 -1.07
N LYS B 68 -14.19 -13.02 -0.60
CA LYS B 68 -14.07 -14.19 -1.48
C LYS B 68 -15.48 -14.74 -1.73
N GLY B 69 -16.02 -14.45 -2.90
CA GLY B 69 -17.33 -14.93 -3.28
C GLY B 69 -18.32 -13.79 -3.47
N ARG B 70 -18.28 -12.81 -2.58
CA ARG B 70 -19.11 -11.63 -2.71
C ARG B 70 -18.56 -10.64 -3.73
N PHE B 71 -17.29 -10.80 -4.12
CA PHE B 71 -16.63 -9.92 -5.06
C PHE B 71 -16.05 -10.74 -6.20
N THR B 72 -15.99 -10.12 -7.37
CA THR B 72 -15.34 -10.71 -8.54
C THR B 72 -14.55 -9.62 -9.25
N ILE B 73 -13.42 -10.01 -9.85
CA ILE B 73 -12.55 -9.06 -10.54
C ILE B 73 -12.30 -9.57 -11.95
N SER B 74 -12.37 -8.67 -12.92
CA SER B 74 -12.16 -9.02 -14.32
C SER B 74 -11.57 -7.81 -15.04
N ALA B 75 -11.16 -8.02 -16.28
CA ALA B 75 -10.53 -6.97 -17.07
C ALA B 75 -11.04 -7.02 -18.50
N ASP B 76 -11.01 -5.85 -19.14
CA ASP B 76 -11.38 -5.68 -20.55
C ASP B 76 -10.22 -4.92 -21.20
N THR B 77 -9.41 -5.65 -21.98
CA THR B 77 -8.25 -5.07 -22.62
C THR B 77 -8.61 -4.25 -23.86
N SER B 78 -9.77 -4.51 -24.46
CA SER B 78 -10.20 -3.68 -25.59
C SER B 78 -10.42 -2.24 -25.15
N LYS B 79 -11.06 -2.05 -24.00
CA LYS B 79 -11.25 -0.72 -23.44
C LYS B 79 -10.14 -0.30 -22.48
N ASN B 80 -9.25 -1.23 -22.12
CA ASN B 80 -8.16 -0.94 -21.18
C ASN B 80 -8.74 -0.52 -19.82
N THR B 81 -9.48 -1.44 -19.21
CA THR B 81 -10.20 -1.16 -17.98
C THR B 81 -10.30 -2.43 -17.15
N ALA B 82 -10.50 -2.26 -15.85
CA ALA B 82 -10.74 -3.37 -14.93
C ALA B 82 -12.04 -3.13 -14.18
N TYR B 83 -12.70 -4.21 -13.79
CA TYR B 83 -14.00 -4.15 -13.13
C TYR B 83 -14.01 -5.03 -11.90
N LEU B 84 -14.55 -4.49 -10.81
CA LEU B 84 -14.81 -5.22 -9.58
C LEU B 84 -16.32 -5.25 -9.37
N GLN B 85 -16.91 -6.43 -9.53
CA GLN B 85 -18.34 -6.63 -9.29
C GLN B 85 -18.53 -7.02 -7.84
N MET B 86 -19.19 -6.14 -7.07
CA MET B 86 -19.39 -6.32 -5.65
C MET B 86 -20.83 -6.78 -5.42
N ASN B 87 -20.99 -8.04 -5.05
CA ASN B 87 -22.30 -8.63 -4.75
C ASN B 87 -22.49 -8.79 -3.26
N SER B 88 -23.75 -8.96 -2.86
CA SER B 88 -24.10 -9.25 -1.46
C SER B 88 -23.46 -8.25 -0.52
N LEU B 89 -23.50 -6.97 -0.89
CA LEU B 89 -22.87 -5.94 -0.08
C LEU B 89 -23.49 -5.88 1.31
N ARG B 90 -22.70 -5.38 2.26
CA ARG B 90 -23.08 -5.32 3.66
C ARG B 90 -22.67 -3.97 4.22
N ALA B 91 -23.17 -3.66 5.43
CA ALA B 91 -22.84 -2.40 6.07
C ALA B 91 -21.34 -2.30 6.33
N GLU B 92 -20.71 -3.41 6.73
CA GLU B 92 -19.29 -3.40 7.01
C GLU B 92 -18.47 -2.99 5.80
N ASP B 93 -18.99 -3.23 4.60
CA ASP B 93 -18.30 -2.86 3.37
C ASP B 93 -18.30 -1.36 3.12
N THR B 94 -19.10 -0.60 3.86
CA THR B 94 -19.08 0.85 3.75
C THR B 94 -17.67 1.36 3.96
N ALA B 95 -17.09 1.96 2.93
CA ALA B 95 -15.67 2.34 3.00
C ALA B 95 -15.36 3.28 1.84
N VAL B 96 -14.08 3.55 1.64
CA VAL B 96 -13.59 4.24 0.45
C VAL B 96 -12.66 3.26 -0.28
N TYR B 97 -12.93 3.05 -1.56
CA TYR B 97 -12.24 2.04 -2.35
C TYR B 97 -11.25 2.71 -3.29
N TYR B 98 -10.05 2.14 -3.37
CA TYR B 98 -8.95 2.63 -4.19
C TYR B 98 -8.53 1.58 -5.19
N CYS B 99 -8.06 2.04 -6.35
CA CYS B 99 -7.52 1.19 -7.40
C CYS B 99 -6.04 1.50 -7.55
N ALA B 100 -5.20 0.47 -7.57
CA ALA B 100 -3.76 0.64 -7.69
C ALA B 100 -3.22 -0.37 -8.68
N ARG B 101 -1.97 -0.14 -9.12
CA ARG B 101 -1.35 -1.00 -10.13
C ARG B 101 0.12 -1.20 -9.82
N LYS B 102 0.63 -2.37 -10.20
CA LYS B 102 2.05 -2.71 -10.10
C LYS B 102 2.54 -3.13 -11.48
N SER B 103 3.46 -2.34 -12.04
CA SER B 103 4.03 -2.65 -13.35
C SER B 103 4.78 -3.99 -13.30
N MET B 104 4.55 -4.81 -14.31
CA MET B 104 5.30 -6.06 -14.45
C MET B 104 6.61 -5.86 -15.20
N TYR B 105 6.92 -4.63 -15.60
CA TYR B 105 8.16 -4.30 -16.31
C TYR B 105 9.31 -4.21 -15.31
N HIS B 106 10.45 -3.66 -15.74
CA HIS B 106 11.60 -3.31 -14.92
C HIS B 106 12.47 -4.49 -14.53
N ARG B 107 12.09 -5.72 -14.90
CA ARG B 107 12.99 -6.85 -14.66
C ARG B 107 14.33 -6.61 -15.34
N GLY B 108 14.32 -5.98 -16.50
CA GLY B 108 15.51 -5.76 -17.30
C GLY B 108 15.27 -6.20 -18.72
N TRP B 109 14.58 -7.33 -18.90
CA TRP B 109 14.17 -7.77 -20.21
C TRP B 109 12.65 -7.83 -20.25
N GLY B 110 12.00 -8.60 -19.38
CA GLY B 110 10.58 -8.86 -19.53
C GLY B 110 9.76 -8.84 -18.26
N TRP B 111 8.85 -9.82 -18.12
CA TRP B 111 7.87 -9.84 -17.04
C TRP B 111 8.45 -10.50 -15.79
N LEU B 112 8.28 -9.84 -14.65
CA LEU B 112 8.50 -10.45 -13.34
C LEU B 112 7.16 -10.97 -12.83
N SER B 113 6.88 -12.24 -13.13
CA SER B 113 5.56 -12.82 -12.94
C SER B 113 5.31 -13.30 -11.51
N TRP B 114 6.16 -12.95 -10.54
CA TRP B 114 5.96 -13.42 -9.17
C TRP B 114 6.26 -12.35 -8.12
N VAL B 115 6.57 -11.12 -8.52
CA VAL B 115 6.93 -10.11 -7.52
C VAL B 115 5.71 -9.70 -6.70
N TYR B 116 4.57 -9.45 -7.36
CA TYR B 116 3.40 -8.89 -6.72
C TYR B 116 3.70 -7.57 -6.04
N GLY B 117 4.68 -6.83 -6.57
CA GLY B 117 5.36 -5.78 -5.83
C GLY B 117 4.52 -4.61 -5.37
N ALA B 118 5.20 -3.54 -4.96
CA ALA B 118 4.53 -2.41 -4.35
C ALA B 118 3.65 -1.68 -5.37
N MET B 119 2.51 -1.18 -4.88
CA MET B 119 1.56 -0.46 -5.73
C MET B 119 2.03 0.98 -5.85
N ASP B 120 2.57 1.33 -7.02
CA ASP B 120 3.23 2.62 -7.18
C ASP B 120 2.30 3.72 -7.66
N TYR B 121 1.16 3.38 -8.26
CA TYR B 121 0.21 4.37 -8.76
C TYR B 121 -1.17 4.09 -8.18
N TRP B 122 -1.80 5.13 -7.64
CA TRP B 122 -3.10 5.04 -7.00
C TRP B 122 -4.10 5.93 -7.73
N GLY B 123 -5.38 5.58 -7.59
CA GLY B 123 -6.43 6.41 -8.13
C GLY B 123 -6.76 7.58 -7.22
N GLN B 124 -8.06 7.83 -6.98
CA GLN B 124 -8.49 8.90 -6.10
C GLN B 124 -9.41 8.46 -4.97
N GLY B 125 -9.99 7.27 -5.05
CA GLY B 125 -10.82 6.77 -3.97
C GLY B 125 -12.27 7.15 -4.11
N THR B 126 -13.16 6.16 -4.18
CA THR B 126 -14.59 6.39 -4.34
C THR B 126 -15.31 5.77 -3.15
N LEU B 127 -16.25 6.51 -2.56
CA LEU B 127 -16.94 6.06 -1.37
C LEU B 127 -18.09 5.13 -1.74
N VAL B 128 -18.20 4.03 -0.99
CA VAL B 128 -19.29 3.08 -1.13
C VAL B 128 -20.02 3.00 0.22
N THR B 129 -21.33 3.16 0.19
CA THR B 129 -22.19 3.10 1.36
C THR B 129 -23.13 1.92 1.24
N VAL B 130 -23.48 1.33 2.38
CA VAL B 130 -24.41 0.20 2.41
C VAL B 130 -25.29 0.35 3.65
N SER B 131 -26.56 0.69 3.44
CA SER B 131 -27.48 0.87 4.56
C SER B 131 -28.92 0.94 4.07
N SER B 132 -29.81 0.17 4.70
CA SER B 132 -31.24 0.20 4.39
C SER B 132 -31.89 1.34 5.18
N ALA B 133 -31.58 2.56 4.75
CA ALA B 133 -32.11 3.75 5.40
C ALA B 133 -32.35 4.83 4.35
N SER B 134 -33.43 5.57 4.52
CA SER B 134 -33.83 6.60 3.57
C SER B 134 -33.38 7.98 4.06
N THR B 135 -33.49 8.96 3.17
CA THR B 135 -33.07 10.32 3.50
C THR B 135 -33.90 10.88 4.65
N LYS B 136 -33.29 11.77 5.42
CA LYS B 136 -33.98 12.49 6.49
C LYS B 136 -33.33 13.85 6.66
N GLY B 137 -34.07 14.75 7.30
CA GLY B 137 -33.56 16.06 7.61
C GLY B 137 -33.09 16.15 9.04
N PRO B 138 -32.10 17.01 9.31
CA PRO B 138 -31.56 17.09 10.67
C PRO B 138 -32.58 17.64 11.65
N SER B 139 -32.48 17.17 12.89
CA SER B 139 -33.26 17.69 14.01
C SER B 139 -32.32 18.44 14.94
N VAL B 140 -32.56 19.75 15.09
CA VAL B 140 -31.66 20.61 15.85
C VAL B 140 -32.22 20.78 17.25
N PHE B 141 -31.39 20.54 18.26
CA PHE B 141 -31.73 20.77 19.64
C PHE B 141 -30.71 21.70 20.28
N PRO B 142 -31.10 22.49 21.27
CA PRO B 142 -30.15 23.41 21.90
C PRO B 142 -29.35 22.73 23.01
N LEU B 143 -28.30 23.43 23.44
CA LEU B 143 -27.50 23.04 24.60
C LEU B 143 -27.07 24.35 25.24
N ALA B 144 -27.82 24.78 26.26
CA ALA B 144 -27.59 26.06 26.88
C ALA B 144 -26.79 25.92 28.17
N PRO B 145 -26.09 26.98 28.60
CA PRO B 145 -25.30 26.92 29.83
C PRO B 145 -26.17 26.80 31.09
N THR B 154 -16.00 31.67 31.34
CA THR B 154 -16.13 30.94 30.08
C THR B 154 -17.28 29.93 30.17
N ALA B 155 -18.28 30.11 29.31
CA ALA B 155 -19.45 29.25 29.26
C ALA B 155 -19.57 28.62 27.87
N ALA B 156 -19.89 27.34 27.84
CA ALA B 156 -20.02 26.60 26.59
C ALA B 156 -21.49 26.44 26.25
N LEU B 157 -21.83 26.69 24.97
CA LEU B 157 -23.17 26.48 24.47
C LEU B 157 -23.08 25.89 23.07
N GLY B 158 -24.06 25.05 22.72
CA GLY B 158 -23.97 24.33 21.46
C GLY B 158 -25.32 23.93 20.92
N CYS B 159 -25.28 23.22 19.78
CA CYS B 159 -26.46 22.63 19.17
C CYS B 159 -26.17 21.18 18.83
N LEU B 160 -27.11 20.31 19.18
CA LEU B 160 -27.06 18.89 18.85
C LEU B 160 -27.87 18.68 17.58
N VAL B 161 -27.20 18.35 16.49
CA VAL B 161 -27.85 18.08 15.21
C VAL B 161 -27.96 16.57 15.08
N LYS B 162 -29.15 16.04 15.33
CA LYS B 162 -29.36 14.62 15.52
C LYS B 162 -30.30 14.06 14.46
N ASP B 163 -30.12 12.78 14.14
CA ASP B 163 -31.06 12.04 13.30
C ASP B 163 -31.19 12.68 11.91
N TYR B 164 -30.07 12.68 11.18
CA TYR B 164 -30.06 13.06 9.79
C TYR B 164 -29.41 11.94 8.98
N PHE B 165 -29.73 11.92 7.68
CA PHE B 165 -29.22 10.86 6.81
C PHE B 165 -29.39 11.31 5.36
N PRO B 166 -28.40 11.08 4.49
CA PRO B 166 -27.04 10.57 4.75
C PRO B 166 -26.07 11.72 4.97
N GLU B 167 -24.76 11.45 5.03
CA GLU B 167 -23.79 12.52 5.16
C GLU B 167 -23.76 13.35 3.88
N PRO B 168 -23.28 14.59 3.96
CA PRO B 168 -22.85 15.34 5.14
C PRO B 168 -23.90 16.32 5.65
N VAL B 169 -23.71 16.88 6.84
CA VAL B 169 -24.53 17.95 7.37
C VAL B 169 -23.62 19.10 7.73
N THR B 170 -23.99 20.30 7.31
CA THR B 170 -23.20 21.50 7.56
C THR B 170 -23.77 22.24 8.76
N VAL B 171 -22.89 22.69 9.65
CA VAL B 171 -23.29 23.43 10.84
C VAL B 171 -22.47 24.70 10.91
N SER B 172 -23.11 25.79 11.32
CA SER B 172 -22.42 27.07 11.44
C SER B 172 -23.08 27.88 12.54
N TRP B 173 -22.38 28.93 12.97
CA TRP B 173 -22.84 29.80 14.05
C TRP B 173 -22.85 31.23 13.55
N ASN B 174 -24.00 31.89 13.66
CA ASN B 174 -24.16 33.27 13.23
C ASN B 174 -23.60 33.50 11.83
N SER B 180 -13.97 31.03 16.22
CA SER B 180 -13.40 31.33 17.52
C SER B 180 -14.00 30.44 18.60
N GLY B 181 -13.33 29.33 18.88
CA GLY B 181 -13.79 28.40 19.87
C GLY B 181 -14.76 27.35 19.37
N VAL B 182 -15.31 27.53 18.17
CA VAL B 182 -16.26 26.56 17.62
C VAL B 182 -15.53 25.26 17.33
N HIS B 183 -16.11 24.16 17.80
CA HIS B 183 -15.58 22.82 17.54
C HIS B 183 -16.74 21.95 17.06
N THR B 184 -16.85 21.79 15.75
CA THR B 184 -17.82 20.89 15.17
C THR B 184 -17.24 19.48 15.18
N PHE B 185 -17.98 18.56 15.73
CA PHE B 185 -17.42 17.24 15.99
C PHE B 185 -17.80 16.26 14.89
N PRO B 186 -16.97 15.23 14.66
CA PRO B 186 -17.30 14.25 13.63
C PRO B 186 -18.64 13.59 13.87
N ALA B 187 -19.36 13.32 12.79
CA ALA B 187 -20.63 12.63 12.88
C ALA B 187 -20.43 11.19 13.30
N VAL B 188 -21.38 10.67 14.07
CA VAL B 188 -21.34 9.32 14.61
C VAL B 188 -22.56 8.56 14.12
N LEU B 189 -22.34 7.37 13.55
CA LEU B 189 -23.42 6.56 13.02
C LEU B 189 -24.14 5.90 14.20
N GLN B 190 -25.28 6.46 14.58
CA GLN B 190 -26.04 5.93 15.69
C GLN B 190 -26.54 4.52 15.37
N SER B 191 -26.80 3.76 16.43
CA SER B 191 -27.23 2.37 16.26
C SER B 191 -28.51 2.28 15.43
N SER B 192 -29.35 3.32 15.47
CA SER B 192 -30.57 3.32 14.67
C SER B 192 -30.24 3.28 13.18
N GLY B 193 -29.24 4.04 12.75
CA GLY B 193 -28.84 4.09 11.36
C GLY B 193 -28.56 5.50 10.90
N LEU B 194 -29.16 6.48 11.56
CA LEU B 194 -29.04 7.87 11.15
C LEU B 194 -27.69 8.42 11.62
N TYR B 195 -27.47 9.72 11.41
CA TYR B 195 -26.25 10.40 11.80
C TYR B 195 -26.57 11.45 12.85
N SER B 196 -25.64 11.64 13.79
CA SER B 196 -25.81 12.63 14.84
C SER B 196 -24.46 13.25 15.15
N LEU B 197 -24.44 14.57 15.32
CA LEU B 197 -23.24 15.28 15.73
C LEU B 197 -23.64 16.47 16.58
N SER B 198 -22.65 17.18 17.07
CA SER B 198 -22.90 18.33 17.94
C SER B 198 -21.84 19.38 17.67
N SER B 199 -22.27 20.64 17.62
CA SER B 199 -21.37 21.77 17.41
C SER B 199 -21.45 22.67 18.63
N VAL B 200 -20.31 22.87 19.30
CA VAL B 200 -20.26 23.64 20.53
C VAL B 200 -19.34 24.83 20.33
N VAL B 201 -19.50 25.83 21.21
CA VAL B 201 -18.70 27.04 21.16
C VAL B 201 -18.63 27.61 22.56
N THR B 202 -17.46 28.13 22.94
CA THR B 202 -17.22 28.69 24.25
C THR B 202 -17.12 30.20 24.15
N VAL B 203 -17.92 30.90 24.95
CA VAL B 203 -17.95 32.36 24.94
C VAL B 203 -17.96 32.87 26.38
N PRO B 204 -17.39 34.05 26.61
CA PRO B 204 -17.41 34.60 27.96
C PRO B 204 -18.82 34.75 28.50
N SER B 205 -18.99 34.43 29.79
CA SER B 205 -20.29 34.50 30.42
C SER B 205 -20.77 35.92 30.66
N SER B 206 -19.88 36.91 30.56
CA SER B 206 -20.29 38.29 30.77
C SER B 206 -21.32 38.73 29.72
N SER B 207 -21.11 38.34 28.47
CA SER B 207 -22.02 38.68 27.38
C SER B 207 -23.05 37.60 27.12
N LEU B 208 -23.06 36.53 27.90
CA LEU B 208 -24.02 35.45 27.72
C LEU B 208 -25.45 35.98 27.84
N THR B 212 -26.80 36.41 22.10
CA THR B 212 -27.58 35.63 21.15
C THR B 212 -26.67 34.80 20.25
N TYR B 213 -27.02 33.53 20.08
CA TYR B 213 -26.24 32.62 19.25
C TYR B 213 -27.19 31.70 18.50
N ILE B 214 -27.15 31.78 17.17
CA ILE B 214 -28.03 31.00 16.31
C ILE B 214 -27.19 29.91 15.64
N CYS B 215 -27.63 28.67 15.76
CA CYS B 215 -27.02 27.53 15.10
C CYS B 215 -27.76 27.24 13.80
N ASN B 216 -27.04 27.29 12.69
CA ASN B 216 -27.60 27.11 11.35
C ASN B 216 -27.17 25.74 10.83
N VAL B 217 -28.14 24.90 10.51
CA VAL B 217 -27.89 23.55 10.04
C VAL B 217 -28.41 23.43 8.61
N ASN B 218 -27.55 22.99 7.70
CA ASN B 218 -27.89 22.78 6.31
C ASN B 218 -27.71 21.31 5.94
N HIS B 219 -28.64 20.77 5.16
CA HIS B 219 -28.58 19.37 4.74
C HIS B 219 -29.11 19.31 3.31
N LYS B 220 -28.17 19.35 2.36
CA LYS B 220 -28.55 19.30 0.95
C LYS B 220 -29.23 18.00 0.55
N PRO B 221 -28.71 16.81 0.92
CA PRO B 221 -29.35 15.55 0.49
C PRO B 221 -30.84 15.49 0.78
N SER B 222 -31.33 16.35 1.68
CA SER B 222 -32.75 16.48 1.93
C SER B 222 -33.25 17.91 1.76
N ASN B 223 -32.38 18.85 1.36
CA ASN B 223 -32.77 20.24 1.15
C ASN B 223 -33.48 20.79 2.39
N THR B 224 -32.90 20.50 3.56
CA THR B 224 -33.47 20.92 4.83
C THR B 224 -32.53 21.91 5.52
N LYS B 225 -33.07 23.07 5.87
CA LYS B 225 -32.33 24.10 6.58
C LYS B 225 -33.05 24.45 7.87
N VAL B 226 -32.32 24.47 8.98
CA VAL B 226 -32.89 24.76 10.29
C VAL B 226 -32.05 25.82 10.97
N ASP B 227 -32.71 26.66 11.76
CA ASP B 227 -32.04 27.69 12.55
C ASP B 227 -32.59 27.63 13.97
N LYS B 228 -31.71 27.31 14.92
CA LYS B 228 -32.09 27.25 16.33
C LYS B 228 -31.39 28.37 17.08
N LYS B 229 -31.99 28.79 18.20
CA LYS B 229 -31.48 29.87 19.02
C LYS B 229 -31.11 29.33 20.39
N VAL B 230 -29.91 29.66 20.86
CA VAL B 230 -29.42 29.21 22.16
C VAL B 230 -29.02 30.42 22.97
N GLU B 231 -29.56 30.54 24.18
CA GLU B 231 -29.23 31.65 25.08
C GLU B 231 -30.00 31.52 26.39
N ASP C 2 -2.28 -16.38 6.73
CA ASP C 2 -1.80 -15.07 6.31
C ASP C 2 -0.52 -14.70 7.04
N ILE C 3 -0.01 -13.51 6.77
CA ILE C 3 1.16 -12.95 7.43
C ILE C 3 0.72 -11.70 8.17
N GLN C 4 0.96 -11.66 9.48
CA GLN C 4 0.58 -10.54 10.32
C GLN C 4 1.76 -9.61 10.47
N MET C 5 1.58 -8.35 10.09
CA MET C 5 2.62 -7.34 10.15
C MET C 5 2.36 -6.46 11.37
N THR C 6 3.05 -6.76 12.47
CA THR C 6 2.86 -6.01 13.70
C THR C 6 3.71 -4.75 13.67
N GLN C 7 3.07 -3.61 13.91
CA GLN C 7 3.73 -2.31 13.80
C GLN C 7 3.80 -1.64 15.16
N SER C 8 4.83 -0.79 15.34
CA SER C 8 5.02 -0.09 16.60
C SER C 8 5.83 1.16 16.36
N PRO C 9 5.51 2.28 17.03
CA PRO C 9 4.42 2.47 18.00
C PRO C 9 3.07 2.61 17.32
N SER C 10 1.96 2.29 17.99
CA SER C 10 0.65 2.54 17.43
C SER C 10 0.39 4.02 17.22
N SER C 11 1.16 4.88 17.87
CA SER C 11 1.11 6.31 17.65
C SER C 11 2.24 6.97 18.43
N LEU C 12 2.80 8.06 17.91
CA LEU C 12 3.90 8.73 18.58
C LEU C 12 3.79 10.23 18.34
N SER C 13 4.30 10.99 19.30
CA SER C 13 4.28 12.44 19.27
C SER C 13 5.71 12.95 19.13
N ALA C 14 5.93 13.86 18.18
CA ALA C 14 7.27 14.34 17.91
C ALA C 14 7.19 15.80 17.47
N SER C 15 8.32 16.48 17.58
CA SER C 15 8.44 17.88 17.20
C SER C 15 9.13 17.98 15.84
N VAL C 16 9.42 19.21 15.43
CA VAL C 16 10.14 19.45 14.17
C VAL C 16 11.61 19.18 14.40
N GLY C 17 12.18 18.31 13.58
CA GLY C 17 13.57 17.92 13.69
C GLY C 17 13.80 16.62 14.43
N ASP C 18 12.78 16.10 15.10
CA ASP C 18 12.93 14.84 15.82
C ASP C 18 13.22 13.71 14.83
N ARG C 19 14.20 12.87 15.18
CA ARG C 19 14.58 11.74 14.34
C ARG C 19 13.63 10.59 14.62
N VAL C 20 12.46 10.64 13.97
CA VAL C 20 11.45 9.62 14.20
C VAL C 20 11.95 8.27 13.67
N THR C 21 11.32 7.20 14.17
CA THR C 21 11.63 5.84 13.74
C THR C 21 10.42 4.97 14.03
N ILE C 22 10.09 4.10 13.09
CA ILE C 22 8.91 3.25 13.17
C ILE C 22 9.33 1.84 12.78
N THR C 23 8.76 0.84 13.43
CA THR C 23 9.15 -0.55 13.22
C THR C 23 7.95 -1.37 12.78
N CYS C 24 8.19 -2.22 11.79
CA CYS C 24 7.24 -3.23 11.35
C CYS C 24 7.92 -4.58 11.52
N ARG C 25 7.13 -5.61 11.79
CA ARG C 25 7.69 -6.94 12.03
C ARG C 25 6.76 -7.97 11.43
N ALA C 26 7.27 -8.76 10.49
CA ALA C 26 6.49 -9.80 9.85
C ALA C 26 6.42 -11.03 10.74
N SER C 27 5.25 -11.67 10.74
CA SER C 27 5.10 -12.92 11.48
C SER C 27 5.78 -14.09 10.79
N GLN C 28 6.25 -13.91 9.56
CA GLN C 28 6.91 -14.96 8.80
C GLN C 28 8.07 -14.36 8.04
N SER C 29 8.88 -15.23 7.43
CA SER C 29 10.12 -14.82 6.78
C SER C 29 9.80 -14.16 5.45
N VAL C 30 9.49 -12.86 5.52
CA VAL C 30 9.46 -12.05 4.30
C VAL C 30 10.88 -11.76 3.85
N SER C 31 11.03 -11.49 2.55
CA SER C 31 12.35 -11.44 1.93
C SER C 31 12.61 -10.11 1.26
N SER C 32 12.39 -9.02 1.99
CA SER C 32 12.60 -7.66 1.47
C SER C 32 11.54 -7.30 0.44
N ALA C 33 10.30 -7.68 0.71
CA ALA C 33 9.15 -7.30 -0.09
C ALA C 33 8.20 -6.45 0.73
N VAL C 34 8.75 -5.51 1.50
CA VAL C 34 7.98 -4.70 2.44
C VAL C 34 7.99 -3.27 1.95
N ALA C 35 6.80 -2.70 1.79
CA ALA C 35 6.63 -1.34 1.29
C ALA C 35 6.02 -0.46 2.37
N TRP C 36 6.49 0.78 2.42
CA TRP C 36 6.04 1.77 3.38
C TRP C 36 5.31 2.89 2.65
N TYR C 37 4.09 3.18 3.10
CA TYR C 37 3.21 4.19 2.53
C TYR C 37 2.88 5.26 3.58
N GLN C 38 2.47 6.43 3.08
CA GLN C 38 2.04 7.55 3.92
C GLN C 38 0.67 8.01 3.44
N GLN C 39 -0.33 7.93 4.31
CA GLN C 39 -1.65 8.44 4.02
C GLN C 39 -1.95 9.64 4.92
N LYS C 40 -2.24 10.78 4.28
CA LYS C 40 -2.76 11.95 4.97
C LYS C 40 -4.28 11.84 5.11
N PRO C 41 -4.88 12.63 6.00
CA PRO C 41 -6.31 12.45 6.28
C PRO C 41 -7.17 12.68 5.04
N GLY C 42 -7.90 11.64 4.65
CA GLY C 42 -8.84 11.70 3.54
C GLY C 42 -8.28 11.33 2.19
N LYS C 43 -7.02 11.69 1.92
CA LYS C 43 -6.42 11.49 0.61
C LYS C 43 -5.99 10.03 0.45
N ALA C 44 -5.22 9.74 -0.64
CA ALA C 44 -4.84 8.38 -1.00
C ALA C 44 -3.42 8.08 -0.54
N PRO C 45 -3.10 6.80 -0.28
CA PRO C 45 -1.74 6.47 0.13
C PRO C 45 -0.71 6.84 -0.93
N LYS C 46 0.49 7.16 -0.48
CA LYS C 46 1.62 7.43 -1.35
C LYS C 46 2.72 6.43 -1.02
N LEU C 47 3.23 5.74 -2.04
CA LEU C 47 4.35 4.84 -1.84
C LEU C 47 5.58 5.64 -1.44
N LEU C 48 6.24 5.21 -0.37
CA LEU C 48 7.46 5.85 0.10
C LEU C 48 8.68 4.95 0.00
N ILE C 49 8.55 3.67 0.36
CA ILE C 49 9.65 2.73 0.30
C ILE C 49 9.15 1.42 -0.28
N TYR C 50 9.97 0.76 -1.10
CA TYR C 50 9.64 -0.54 -1.64
C TYR C 50 10.86 -1.45 -1.57
N SER C 51 10.61 -2.75 -1.54
CA SER C 51 11.64 -3.78 -1.45
C SER C 51 12.34 -3.80 -0.10
N ALA C 52 11.80 -3.10 0.90
CA ALA C 52 12.26 -2.99 2.27
C ALA C 52 13.49 -2.09 2.40
N SER C 53 14.11 -1.67 1.30
CA SER C 53 15.21 -0.72 1.38
C SER C 53 15.22 0.32 0.28
N SER C 54 14.42 0.17 -0.78
CA SER C 54 14.59 0.92 -2.02
C SER C 54 13.67 2.13 -2.01
N LEU C 55 14.24 3.33 -2.05
CA LEU C 55 13.46 4.55 -2.09
C LEU C 55 12.72 4.65 -3.43
N TYR C 56 11.58 5.32 -3.40
CA TYR C 56 10.76 5.53 -4.59
C TYR C 56 10.98 6.93 -5.14
N SER C 57 10.84 7.06 -6.46
CA SER C 57 11.14 8.32 -7.11
C SER C 57 10.27 9.44 -6.55
N GLY C 58 10.87 10.61 -6.38
CA GLY C 58 10.19 11.79 -5.86
C GLY C 58 10.14 11.85 -4.35
N VAL C 59 10.19 10.70 -3.67
CA VAL C 59 10.13 10.71 -2.21
C VAL C 59 11.34 11.46 -1.67
N PRO C 60 11.20 12.27 -0.62
CA PRO C 60 12.38 12.99 -0.10
C PRO C 60 13.43 12.03 0.43
N SER C 61 14.64 12.56 0.59
CA SER C 61 15.77 11.74 1.00
C SER C 61 15.77 11.42 2.51
N ARG C 62 15.04 12.20 3.31
CA ARG C 62 15.02 11.95 4.74
C ARG C 62 14.43 10.57 5.05
N PHE C 63 13.39 10.18 4.33
CA PHE C 63 12.81 8.86 4.52
C PHE C 63 13.83 7.80 4.13
N SER C 64 13.97 6.77 4.97
CA SER C 64 14.89 5.69 4.70
C SER C 64 14.30 4.39 5.22
N GLY C 65 14.64 3.30 4.56
CA GLY C 65 14.19 1.98 4.96
C GLY C 65 15.37 1.10 5.31
N SER C 66 15.16 0.20 6.26
CA SER C 66 16.23 -0.69 6.70
C SER C 66 15.63 -2.05 7.04
N ARG C 67 16.43 -3.09 6.85
CA ARG C 67 16.04 -4.45 7.18
C ARG C 67 17.11 -5.09 8.06
N SER C 68 16.66 -5.78 9.11
CA SER C 68 17.54 -6.54 9.98
C SER C 68 16.92 -7.90 10.25
N GLY C 69 16.47 -8.55 9.17
CA GLY C 69 15.70 -9.78 9.29
C GLY C 69 14.24 -9.49 9.04
N THR C 70 13.36 -10.11 9.82
CA THR C 70 11.94 -9.80 9.72
C THR C 70 11.61 -8.41 10.27
N ASP C 71 12.57 -7.75 10.93
CA ASP C 71 12.33 -6.45 11.53
C ASP C 71 12.67 -5.35 10.52
N PHE C 72 11.65 -4.71 9.97
CA PHE C 72 11.81 -3.63 9.02
C PHE C 72 11.66 -2.30 9.74
N THR C 73 12.44 -1.31 9.33
CA THR C 73 12.47 -0.02 10.01
C THR C 73 12.30 1.09 8.99
N LEU C 74 11.38 2.02 9.28
CA LEU C 74 11.21 3.24 8.51
C LEU C 74 11.68 4.39 9.36
N THR C 75 12.67 5.14 8.87
CA THR C 75 13.29 6.22 9.61
C THR C 75 13.11 7.52 8.87
N ILE C 76 12.98 8.61 9.63
CA ILE C 76 12.91 9.96 9.10
C ILE C 76 14.04 10.75 9.76
N SER C 77 14.97 11.25 8.95
CA SER C 77 16.15 11.91 9.50
C SER C 77 15.77 13.13 10.32
N SER C 78 14.83 13.93 9.80
CA SER C 78 14.39 15.14 10.51
C SER C 78 12.94 15.40 10.11
N LEU C 79 12.02 15.03 11.00
CA LEU C 79 10.60 15.21 10.73
C LEU C 79 10.30 16.66 10.38
N GLN C 80 9.42 16.87 9.42
CA GLN C 80 9.01 18.18 8.96
C GLN C 80 7.50 18.28 8.97
N PRO C 81 6.95 19.50 9.00
CA PRO C 81 5.50 19.67 9.15
C PRO C 81 4.66 18.74 8.30
N GLU C 82 5.08 18.51 7.06
CA GLU C 82 4.31 17.64 6.17
C GLU C 82 4.50 16.16 6.47
N ASP C 83 5.42 15.81 7.36
CA ASP C 83 5.59 14.41 7.79
C ASP C 83 4.73 14.12 9.01
N PHE C 84 3.46 14.48 8.94
CA PHE C 84 2.48 14.27 10.01
C PHE C 84 1.28 13.59 9.37
N ALA C 85 1.32 12.27 9.31
CA ALA C 85 0.29 11.48 8.65
C ALA C 85 0.32 10.09 9.27
N THR C 86 -0.38 9.15 8.65
CA THR C 86 -0.38 7.76 9.11
C THR C 86 0.47 6.94 8.17
N TYR C 87 1.47 6.27 8.71
CA TYR C 87 2.43 5.51 7.92
C TYR C 87 2.16 4.02 8.09
N TYR C 88 2.02 3.32 6.97
CA TYR C 88 1.67 1.91 6.95
C TYR C 88 2.80 1.09 6.34
N CYS C 89 2.91 -0.16 6.80
CA CYS C 89 3.79 -1.14 6.19
C CYS C 89 2.95 -2.25 5.58
N GLN C 90 3.42 -2.78 4.46
CA GLN C 90 2.70 -3.78 3.68
C GLN C 90 3.68 -4.83 3.20
N GLN C 91 3.32 -6.10 3.37
CA GLN C 91 4.10 -7.20 2.81
C GLN C 91 3.49 -7.58 1.46
N SER C 92 4.28 -7.44 0.40
CA SER C 92 3.86 -7.75 -0.95
C SER C 92 4.58 -9.00 -1.46
N TYR C 93 4.75 -9.98 -0.59
CA TYR C 93 5.44 -11.23 -0.92
C TYR C 93 4.47 -12.37 -1.14
N TYR C 94 3.62 -12.68 -0.17
CA TYR C 94 2.58 -13.68 -0.30
C TYR C 94 1.27 -13.01 -0.70
N TYR C 95 0.20 -13.80 -0.76
CA TYR C 95 -1.15 -13.30 -0.84
C TYR C 95 -1.99 -13.96 0.24
N PRO C 96 -2.93 -13.23 0.87
CA PRO C 96 -3.32 -11.84 0.60
C PRO C 96 -2.33 -10.81 1.10
N ILE C 97 -2.15 -9.72 0.36
CA ILE C 97 -1.34 -8.61 0.85
C ILE C 97 -1.91 -8.12 2.16
N THR C 98 -1.04 -7.93 3.15
CA THR C 98 -1.45 -7.45 4.46
C THR C 98 -0.72 -6.15 4.79
N PHE C 99 -1.46 -5.18 5.31
CA PHE C 99 -0.90 -3.93 5.78
C PHE C 99 -0.59 -4.04 7.27
N GLY C 100 -0.05 -2.95 7.83
CA GLY C 100 0.20 -2.89 9.26
C GLY C 100 -1.00 -2.39 10.01
N GLN C 101 -0.81 -1.40 10.87
CA GLN C 101 -1.91 -0.81 11.63
C GLN C 101 -1.84 0.71 11.66
N GLY C 102 -0.99 1.33 10.86
CA GLY C 102 -0.86 2.77 10.86
C GLY C 102 -0.13 3.26 12.10
N THR C 103 0.51 4.42 11.99
CA THR C 103 1.21 5.02 13.12
C THR C 103 1.07 6.54 12.99
N LYS C 104 0.06 7.08 13.67
CA LYS C 104 -0.24 8.50 13.55
C LYS C 104 0.88 9.30 14.21
N VAL C 105 1.73 9.92 13.40
CA VAL C 105 2.81 10.77 13.91
C VAL C 105 2.17 12.11 14.27
N GLU C 106 1.93 12.33 15.56
CA GLU C 106 1.23 13.50 16.05
C GLU C 106 2.21 14.63 16.36
N ILE C 107 1.72 15.68 17.02
CA ILE C 107 2.56 16.78 17.45
C ILE C 107 2.70 16.71 18.96
N LYS C 108 3.75 17.35 19.48
CA LYS C 108 4.07 17.31 20.90
C LYS C 108 3.89 18.71 21.50
N ARG C 109 3.28 18.76 22.68
CA ARG C 109 3.08 20.01 23.39
C ARG C 109 2.95 19.70 24.88
N THR C 110 2.88 20.76 25.68
CA THR C 110 2.74 20.62 27.12
C THR C 110 1.40 19.98 27.48
N VAL C 111 1.39 19.24 28.58
CA VAL C 111 0.16 18.59 29.03
C VAL C 111 -0.82 19.63 29.53
N ALA C 112 -2.07 19.53 29.09
CA ALA C 112 -3.15 20.42 29.51
C ALA C 112 -4.33 19.58 29.98
N ALA C 113 -5.18 20.21 30.80
CA ALA C 113 -6.31 19.48 31.38
C ALA C 113 -7.62 19.84 30.68
N PRO C 114 -8.54 18.89 30.54
CA PRO C 114 -9.81 19.19 29.87
C PRO C 114 -10.70 20.07 30.74
N SER C 115 -11.20 21.16 30.17
CA SER C 115 -12.26 21.91 30.82
C SER C 115 -13.60 21.24 30.53
N VAL C 116 -14.33 20.89 31.58
CA VAL C 116 -15.50 20.03 31.47
C VAL C 116 -16.75 20.89 31.62
N PHE C 117 -17.67 20.75 30.67
CA PHE C 117 -18.99 21.34 30.75
C PHE C 117 -20.03 20.24 30.58
N ILE C 118 -21.22 20.46 31.12
CA ILE C 118 -22.31 19.48 31.06
C ILE C 118 -23.58 20.17 30.58
N PHE C 119 -24.32 19.50 29.70
CA PHE C 119 -25.53 20.04 29.10
C PHE C 119 -26.65 19.03 29.30
N PRO C 120 -27.78 19.41 29.90
CA PRO C 120 -28.90 18.49 30.05
C PRO C 120 -29.84 18.58 28.86
N PRO C 121 -30.72 17.59 28.66
CA PRO C 121 -31.65 17.64 27.54
C PRO C 121 -32.57 18.85 27.63
N SER C 122 -32.92 19.38 26.46
CA SER C 122 -33.80 20.54 26.40
C SER C 122 -35.26 20.10 26.35
N ASP C 123 -36.15 21.07 26.56
CA ASP C 123 -37.59 20.79 26.51
C ASP C 123 -38.02 20.33 25.12
N SER C 124 -37.51 21.01 24.09
CA SER C 124 -37.85 20.60 22.72
C SER C 124 -37.46 19.15 22.48
N GLN C 125 -36.23 18.79 22.85
CA GLN C 125 -35.79 17.41 22.67
C GLN C 125 -36.58 16.45 23.56
N LEU C 126 -37.08 16.91 24.70
CA LEU C 126 -37.87 16.06 25.57
C LEU C 126 -39.26 15.80 25.02
N LYS C 127 -39.83 16.76 24.30
CA LYS C 127 -41.13 16.52 23.66
C LYS C 127 -41.06 15.33 22.71
N SER C 128 -39.99 15.23 21.94
CA SER C 128 -39.86 14.17 20.94
C SER C 128 -39.96 12.79 21.59
N GLY C 129 -39.19 12.57 22.65
CA GLY C 129 -39.21 11.29 23.33
C GLY C 129 -37.83 10.70 23.56
N THR C 130 -36.79 11.50 23.34
CA THR C 130 -35.41 11.08 23.58
C THR C 130 -34.69 12.16 24.37
N ALA C 131 -33.93 11.74 25.38
CA ALA C 131 -33.14 12.65 26.20
C ALA C 131 -31.67 12.41 25.90
N SER C 132 -30.91 13.50 25.75
CA SER C 132 -29.49 13.43 25.44
C SER C 132 -28.73 14.38 26.35
N VAL C 133 -27.86 13.82 27.19
CA VAL C 133 -26.98 14.60 28.07
C VAL C 133 -25.60 14.63 27.43
N VAL C 134 -25.01 15.83 27.34
CA VAL C 134 -23.78 16.04 26.58
C VAL C 134 -22.71 16.57 27.52
N CYS C 135 -21.64 15.81 27.69
CA CYS C 135 -20.48 16.27 28.44
C CYS C 135 -19.38 16.64 27.46
N LEU C 136 -18.89 17.87 27.58
CA LEU C 136 -17.91 18.44 26.67
C LEU C 136 -16.58 18.61 27.39
N LEU C 137 -15.55 17.93 26.90
CA LEU C 137 -14.18 18.13 27.33
C LEU C 137 -13.50 19.04 26.31
N ASN C 138 -12.97 20.17 26.77
CA ASN C 138 -12.44 21.19 25.89
C ASN C 138 -10.95 21.39 26.16
N ASN C 139 -10.18 21.41 25.08
CA ASN C 139 -8.77 21.79 25.11
C ASN C 139 -7.93 20.91 26.05
N PHE C 140 -7.78 19.62 25.72
CA PHE C 140 -6.95 18.74 26.54
C PHE C 140 -5.93 17.96 25.73
N TYR C 141 -4.64 18.18 26.03
CA TYR C 141 -3.54 17.39 25.49
C TYR C 141 -2.86 16.63 26.63
N PRO C 142 -2.46 15.36 26.43
CA PRO C 142 -2.55 14.52 25.22
C PRO C 142 -3.96 14.01 24.94
N ARG C 143 -4.09 13.17 23.91
CA ARG C 143 -5.40 12.69 23.49
C ARG C 143 -6.08 11.87 24.57
N GLU C 144 -5.30 11.06 25.30
CA GLU C 144 -5.89 10.08 26.19
C GLU C 144 -6.60 10.75 27.36
N ALA C 145 -7.91 10.53 27.44
CA ALA C 145 -8.73 10.97 28.56
C ALA C 145 -9.89 10.02 28.68
N LYS C 146 -10.48 9.95 29.87
CA LYS C 146 -11.60 9.05 30.12
C LYS C 146 -12.76 9.83 30.73
N VAL C 147 -13.98 9.48 30.31
CA VAL C 147 -15.21 10.12 30.78
C VAL C 147 -16.14 9.02 31.27
N GLN C 148 -16.70 9.21 32.46
CA GLN C 148 -17.64 8.26 33.06
C GLN C 148 -18.95 8.97 33.35
N TRP C 149 -20.06 8.33 33.00
CA TRP C 149 -21.40 8.90 33.17
C TRP C 149 -22.05 8.30 34.40
N LYS C 150 -22.43 9.17 35.35
CA LYS C 150 -23.12 8.77 36.57
C LYS C 150 -24.57 9.22 36.47
N VAL C 151 -25.49 8.29 36.69
CA VAL C 151 -26.91 8.60 36.61
C VAL C 151 -27.51 8.74 38.01
N ASN C 159 -23.70 3.18 26.12
CA ASN C 159 -24.74 4.14 25.76
C ASN C 159 -24.14 5.51 25.53
N SER C 160 -22.85 5.56 25.20
CA SER C 160 -22.15 6.80 24.95
C SER C 160 -21.48 6.73 23.59
N GLN C 161 -21.13 7.91 23.06
CA GLN C 161 -20.46 7.99 21.77
C GLN C 161 -19.58 9.23 21.78
N GLU C 162 -18.28 9.02 22.00
CA GLU C 162 -17.33 10.12 21.98
C GLU C 162 -16.91 10.42 20.54
N SER C 163 -16.53 11.67 20.30
CA SER C 163 -16.04 12.07 18.98
C SER C 163 -14.98 13.14 19.21
N VAL C 164 -13.74 12.81 18.90
CA VAL C 164 -12.60 13.68 19.17
C VAL C 164 -12.29 14.49 17.93
N THR C 165 -12.30 15.82 18.07
CA THR C 165 -11.90 16.68 16.96
C THR C 165 -10.42 16.49 16.70
N GLU C 166 -10.05 16.29 15.44
CA GLU C 166 -8.66 16.09 15.06
C GLU C 166 -7.81 17.21 15.64
N GLN C 167 -6.53 16.93 15.88
CA GLN C 167 -5.65 17.89 16.56
C GLN C 167 -5.85 19.30 16.02
N ASP C 168 -5.92 20.26 16.95
CA ASP C 168 -6.22 21.64 16.60
C ASP C 168 -5.05 22.25 15.83
N SER C 169 -5.14 23.54 15.49
CA SER C 169 -4.14 24.17 14.64
C SER C 169 -3.27 25.16 15.39
N LYS C 170 -3.83 26.18 16.01
CA LYS C 170 -3.03 27.08 16.82
C LYS C 170 -2.47 26.31 18.01
N ASP C 171 -3.34 25.85 18.89
CA ASP C 171 -2.98 24.84 19.88
C ASP C 171 -2.94 23.49 19.18
N SER C 172 -2.34 22.49 19.80
CA SER C 172 -2.47 21.12 19.35
C SER C 172 -3.16 20.34 20.46
N THR C 173 -4.48 20.46 20.52
CA THR C 173 -5.27 19.95 21.63
C THR C 173 -6.55 19.32 21.11
N TYR C 174 -6.94 18.22 21.73
CA TYR C 174 -8.14 17.50 21.37
C TYR C 174 -9.33 18.07 22.14
N SER C 175 -10.49 18.01 21.50
CA SER C 175 -11.77 18.21 22.15
C SER C 175 -12.53 16.90 22.12
N LEU C 176 -13.58 16.82 22.91
CA LEU C 176 -14.34 15.58 22.97
C LEU C 176 -15.74 15.88 23.47
N SER C 177 -16.71 15.12 22.97
CA SER C 177 -18.10 15.26 23.37
C SER C 177 -18.66 13.87 23.60
N SER C 178 -18.88 13.52 24.86
CA SER C 178 -19.49 12.25 25.21
C SER C 178 -20.97 12.49 25.47
N THR C 179 -21.83 11.85 24.67
CA THR C 179 -23.26 12.06 24.74
C THR C 179 -23.95 10.77 25.14
N LEU C 180 -24.76 10.82 26.19
CA LEU C 180 -25.54 9.70 26.66
C LEU C 180 -26.99 9.91 26.28
N THR C 181 -27.58 8.93 25.60
CA THR C 181 -28.93 9.02 25.07
C THR C 181 -29.81 7.99 25.77
N LEU C 182 -31.00 8.42 26.19
CA LEU C 182 -31.94 7.59 26.91
C LEU C 182 -33.35 7.86 26.40
N SER C 183 -34.24 6.93 26.68
CA SER C 183 -35.66 7.15 26.44
C SER C 183 -36.24 8.00 27.57
N LYS C 184 -37.15 8.92 27.21
CA LYS C 184 -37.71 9.83 28.20
C LYS C 184 -38.35 9.08 29.36
N ALA C 185 -38.80 7.85 29.14
CA ALA C 185 -39.38 7.07 30.24
C ALA C 185 -38.33 6.81 31.31
N ASP C 186 -37.10 6.50 30.92
CA ASP C 186 -36.04 6.20 31.85
C ASP C 186 -35.21 7.42 32.24
N TYR C 187 -35.37 8.54 31.54
CA TYR C 187 -34.58 9.73 31.87
C TYR C 187 -35.07 10.39 33.15
N GLU C 188 -36.38 10.52 33.31
CA GLU C 188 -36.94 11.26 34.44
C GLU C 188 -37.07 10.42 35.70
N LYS C 189 -36.74 9.13 35.65
CA LYS C 189 -36.77 8.32 36.86
C LYS C 189 -35.78 8.82 37.90
N HIS C 190 -34.58 9.20 37.46
CA HIS C 190 -33.50 9.61 38.34
C HIS C 190 -33.31 11.12 38.28
N LYS C 191 -32.69 11.67 39.31
CA LYS C 191 -32.59 13.11 39.51
C LYS C 191 -31.22 13.70 39.22
N VAL C 192 -30.15 13.05 39.65
CA VAL C 192 -28.80 13.61 39.58
C VAL C 192 -28.05 12.93 38.45
N TYR C 193 -27.51 13.73 37.53
CA TYR C 193 -26.66 13.23 36.46
C TYR C 193 -25.31 13.94 36.53
N ALA C 194 -24.26 13.25 36.10
CA ALA C 194 -22.93 13.85 36.15
C ALA C 194 -22.01 13.13 35.19
N CYS C 195 -20.94 13.82 34.79
CA CYS C 195 -19.84 13.22 34.06
C CYS C 195 -18.54 13.51 34.81
N GLU C 196 -17.75 12.45 35.01
CA GLU C 196 -16.44 12.53 35.64
C GLU C 196 -15.37 12.36 34.58
N VAL C 197 -14.46 13.32 34.50
CA VAL C 197 -13.38 13.32 33.51
C VAL C 197 -12.09 13.07 34.26
N THR C 198 -11.37 12.01 33.89
CA THR C 198 -10.05 11.74 34.41
C THR C 198 -9.05 11.82 33.27
N HIS C 199 -8.07 12.72 33.43
CA HIS C 199 -7.04 12.98 32.44
C HIS C 199 -5.69 12.94 33.15
N GLN C 200 -4.67 12.44 32.45
CA GLN C 200 -3.37 12.24 33.10
C GLN C 200 -2.78 13.55 33.61
N GLY C 201 -3.26 14.69 33.13
CA GLY C 201 -2.85 15.98 33.64
C GLY C 201 -3.65 16.47 34.83
N LEU C 202 -4.61 15.68 35.30
CA LEU C 202 -5.46 16.04 36.43
C LEU C 202 -5.14 15.15 37.62
N SER C 203 -4.82 15.78 38.75
CA SER C 203 -4.50 15.01 39.96
C SER C 203 -5.68 14.15 40.40
N SER C 204 -6.88 14.72 40.38
CA SER C 204 -8.10 14.01 40.73
C SER C 204 -9.16 14.24 39.67
N PRO C 205 -10.07 13.29 39.47
CA PRO C 205 -11.10 13.46 38.44
C PRO C 205 -11.94 14.71 38.69
N VAL C 206 -12.34 15.35 37.59
CA VAL C 206 -13.19 16.54 37.64
C VAL C 206 -14.61 16.11 37.31
N THR C 207 -15.54 16.39 38.21
CA THR C 207 -16.93 15.96 38.05
C THR C 207 -17.81 17.18 37.81
N LYS C 208 -18.61 17.13 36.75
CA LYS C 208 -19.62 18.15 36.47
C LYS C 208 -20.98 17.49 36.52
N SER C 209 -21.89 18.07 37.29
CA SER C 209 -23.17 17.43 37.59
C SER C 209 -24.30 18.44 37.51
N PHE C 210 -25.50 17.92 37.25
CA PHE C 210 -26.72 18.71 37.28
C PHE C 210 -27.85 17.87 37.88
N ASN C 211 -28.88 18.58 38.32
CA ASN C 211 -30.08 17.97 38.88
C ASN C 211 -31.20 17.99 37.86
N ARG C 212 -31.90 16.87 37.72
CA ARG C 212 -32.97 16.74 36.74
C ARG C 212 -34.02 17.83 36.93
N VAL D 4 1.47 -2.77 46.38
CA VAL D 4 2.24 -1.70 45.75
C VAL D 4 2.37 -0.52 46.70
N GLN D 5 3.60 -0.05 46.90
CA GLN D 5 3.87 1.05 47.82
C GLN D 5 5.03 1.86 47.25
N LEU D 6 4.70 2.97 46.59
CA LEU D 6 5.73 3.84 46.06
C LEU D 6 6.42 4.62 47.17
N GLN D 7 7.72 4.82 47.04
CA GLN D 7 8.51 5.56 48.01
C GLN D 7 9.34 6.61 47.29
N GLU D 8 9.27 7.84 47.78
CA GLU D 8 10.03 8.96 47.22
C GLU D 8 11.29 9.21 48.03
N SER D 9 12.28 9.79 47.38
CA SER D 9 13.57 10.06 47.99
C SER D 9 14.14 11.34 47.39
N GLY D 10 14.96 12.01 48.17
CA GLY D 10 15.56 13.27 47.78
C GLY D 10 15.04 14.43 48.59
N GLY D 11 15.04 15.61 47.96
CA GLY D 11 14.54 16.79 48.61
C GLY D 11 15.62 17.57 49.34
N GLY D 12 15.23 18.32 50.36
CA GLY D 12 16.17 19.10 51.13
C GLY D 12 16.33 20.51 50.58
N LEU D 13 16.84 21.40 51.44
CA LEU D 13 17.02 22.79 51.06
C LEU D 13 18.03 22.90 49.93
N VAL D 14 17.68 23.68 48.91
CA VAL D 14 18.57 24.00 47.80
C VAL D 14 18.48 25.49 47.55
N GLN D 15 19.63 26.14 47.39
CA GLN D 15 19.64 27.59 47.24
C GLN D 15 19.04 27.99 45.89
N PRO D 16 18.59 29.24 45.76
CA PRO D 16 17.98 29.66 44.50
C PRO D 16 18.93 29.52 43.33
N GLY D 17 18.39 29.14 42.18
CA GLY D 17 19.19 28.96 40.98
C GLY D 17 20.00 27.70 40.93
N GLY D 18 19.80 26.79 41.88
CA GLY D 18 20.56 25.56 41.96
C GLY D 18 19.93 24.43 41.17
N SER D 19 20.18 23.20 41.63
CA SER D 19 19.65 22.02 40.97
C SER D 19 19.47 20.92 42.01
N LEU D 20 18.68 19.91 41.63
CA LEU D 20 18.39 18.82 42.53
C LEU D 20 17.91 17.63 41.70
N ARG D 21 17.84 16.47 42.35
CA ARG D 21 17.36 15.26 41.68
C ARG D 21 16.57 14.44 42.69
N LEU D 22 15.27 14.29 42.44
CA LEU D 22 14.43 13.43 43.26
C LEU D 22 14.29 12.08 42.58
N SER D 23 13.95 11.07 43.39
CA SER D 23 13.78 9.71 42.90
C SER D 23 12.50 9.13 43.46
N CYS D 24 11.93 8.17 42.73
CA CYS D 24 10.75 7.46 43.16
C CYS D 24 10.91 5.99 42.80
N ALA D 25 10.84 5.13 43.80
CA ALA D 25 11.04 3.69 43.62
C ALA D 25 9.77 2.96 44.00
N ALA D 26 9.37 2.01 43.17
CA ALA D 26 8.18 1.22 43.38
C ALA D 26 8.54 -0.16 43.94
N SER D 27 7.56 -0.76 44.63
CA SER D 27 7.72 -2.08 45.21
C SER D 27 6.48 -2.91 44.94
N GLY D 28 6.68 -4.20 44.67
CA GLY D 28 5.59 -5.11 44.44
C GLY D 28 5.04 -5.12 43.02
N ARG D 29 5.44 -4.16 42.18
CA ARG D 29 4.98 -4.11 40.80
C ARG D 29 6.05 -3.45 39.95
N THR D 30 5.96 -3.69 38.64
CA THR D 30 6.93 -3.14 37.70
C THR D 30 6.63 -1.66 37.47
N ILE D 31 7.40 -1.04 36.57
CA ILE D 31 7.20 0.36 36.21
C ILE D 31 7.13 0.48 34.68
N SER D 32 7.54 -0.58 33.98
CA SER D 32 7.50 -0.55 32.51
C SER D 32 6.07 -0.41 32.01
N ARG D 33 5.17 -1.29 32.47
CA ARG D 33 3.80 -1.29 31.99
C ARG D 33 2.96 -0.17 32.58
N TYR D 34 3.44 0.52 33.62
CA TYR D 34 2.74 1.64 34.20
C TYR D 34 3.33 2.94 33.66
N ALA D 35 2.70 4.06 34.03
CA ALA D 35 3.19 5.38 33.66
C ALA D 35 3.01 6.28 34.87
N MET D 36 4.04 6.34 35.71
CA MET D 36 4.00 7.15 36.91
C MET D 36 4.25 8.62 36.57
N SER D 37 3.80 9.50 37.44
CA SER D 37 3.89 10.93 37.22
C SER D 37 4.36 11.63 38.49
N TRP D 38 4.91 12.83 38.31
CA TRP D 38 5.37 13.68 39.40
C TRP D 38 4.48 14.92 39.47
N PHE D 39 3.93 15.16 40.67
CA PHE D 39 3.04 16.28 40.95
C PHE D 39 3.67 17.21 41.98
N ARG D 40 3.30 18.48 41.92
CA ARG D 40 3.80 19.51 42.83
C ARG D 40 2.63 20.09 43.61
N GLN D 41 2.71 20.04 44.94
CA GLN D 41 1.70 20.61 45.83
C GLN D 41 2.34 21.77 46.59
N ALA D 42 1.90 22.98 46.27
CA ALA D 42 2.45 24.21 46.82
C ALA D 42 1.37 24.95 47.59
N PRO D 43 1.76 25.88 48.49
CA PRO D 43 0.75 26.63 49.23
C PRO D 43 -0.03 27.60 48.33
N GLY D 44 -1.30 27.28 48.08
CA GLY D 44 -2.15 28.11 47.25
C GLY D 44 -2.84 27.35 46.14
N LYS D 45 -2.16 26.40 45.53
CA LYS D 45 -2.71 25.58 44.45
C LYS D 45 -2.13 24.17 44.61
N GLU D 46 -2.90 23.30 45.25
CA GLU D 46 -2.41 21.98 45.63
C GLU D 46 -2.56 20.97 44.51
N ARG D 47 -1.62 20.03 44.44
CA ARG D 47 -1.64 18.94 43.46
C ARG D 47 -1.60 19.48 42.04
N GLU D 48 -0.53 20.19 41.73
CA GLU D 48 -0.28 20.68 40.38
C GLU D 48 0.57 19.68 39.62
N PHE D 49 0.35 19.62 38.29
CA PHE D 49 1.07 18.69 37.45
C PHE D 49 2.48 19.18 37.20
N VAL D 50 3.44 18.26 37.21
CA VAL D 50 4.84 18.59 36.97
C VAL D 50 5.34 17.84 35.75
N ALA D 51 5.22 16.52 35.76
CA ALA D 51 5.73 15.76 34.61
C ALA D 51 5.22 14.32 34.67
N VAL D 52 5.45 13.59 33.59
CA VAL D 52 5.05 12.19 33.49
C VAL D 52 5.97 11.50 32.48
N ALA D 53 6.22 10.22 32.72
CA ALA D 53 7.00 9.38 31.82
C ALA D 53 6.26 8.06 31.63
N ARG D 54 6.01 7.69 30.38
CA ARG D 54 5.15 6.56 30.08
C ARG D 54 5.99 5.28 29.91
N ARG D 55 5.34 4.22 29.43
CA ARG D 55 6.00 2.93 29.29
C ARG D 55 7.17 3.02 28.33
N SER D 56 8.30 2.47 28.74
CA SER D 56 9.51 2.41 27.91
C SER D 56 9.78 3.81 27.36
N GLY D 57 10.51 3.90 26.26
CA GLY D 57 10.81 5.18 25.64
C GLY D 57 9.78 5.60 24.62
N ASP D 58 8.59 5.99 25.07
CA ASP D 58 7.56 6.46 24.15
C ASP D 58 6.85 7.71 24.67
N GLY D 59 7.55 8.54 25.44
CA GLY D 59 7.00 9.80 25.86
C GLY D 59 7.40 10.26 27.24
N ALA D 60 7.85 11.51 27.33
CA ALA D 60 8.10 12.18 28.60
C ALA D 60 7.51 13.57 28.48
N PHE D 61 6.39 13.81 29.15
CA PHE D 61 5.60 15.02 28.98
C PHE D 61 5.71 15.90 30.21
N TYR D 62 6.01 17.18 30.00
CA TYR D 62 6.16 18.15 31.06
C TYR D 62 5.06 19.20 30.97
N ALA D 63 4.64 19.70 32.12
CA ALA D 63 3.71 20.82 32.14
C ALA D 63 4.41 22.10 31.69
N ASP D 64 3.60 23.09 31.30
CA ASP D 64 4.17 24.32 30.77
C ASP D 64 4.95 25.10 31.83
N SER D 65 4.71 24.80 33.11
CA SER D 65 5.44 25.50 34.17
C SER D 65 6.88 25.00 34.30
N VAL D 66 7.12 23.73 34.00
CA VAL D 66 8.43 23.12 34.19
C VAL D 66 8.99 22.64 32.85
N GLN D 67 8.67 23.36 31.77
CA GLN D 67 9.22 23.07 30.47
C GLN D 67 10.53 23.83 30.27
N GLY D 68 11.58 23.10 29.91
CA GLY D 68 12.88 23.69 29.70
C GLY D 68 13.78 23.75 30.92
N ARG D 69 13.29 23.35 32.08
CA ARG D 69 14.10 23.34 33.30
C ARG D 69 13.87 22.11 34.15
N PHE D 70 13.14 21.11 33.67
CA PHE D 70 12.95 19.85 34.37
C PHE D 70 13.19 18.71 33.40
N THR D 71 13.41 17.51 33.96
CA THR D 71 13.58 16.34 33.13
C THR D 71 13.15 15.11 33.91
N VAL D 72 12.65 14.11 33.20
CA VAL D 72 12.24 12.84 33.78
C VAL D 72 13.07 11.74 33.14
N SER D 73 13.30 10.67 33.90
CA SER D 73 14.08 9.55 33.39
C SER D 73 13.69 8.29 34.15
N ARG D 74 13.10 7.32 33.46
CA ARG D 74 12.71 6.07 34.08
C ARG D 74 13.84 5.06 34.02
N ASP D 75 13.72 4.01 34.83
CA ASP D 75 14.72 2.94 34.86
C ASP D 75 14.01 1.68 35.38
N ASP D 76 13.70 0.76 34.47
CA ASP D 76 12.97 -0.44 34.82
C ASP D 76 13.87 -1.53 35.40
N ALA D 77 15.19 -1.37 35.32
CA ALA D 77 16.08 -2.36 35.93
C ALA D 77 15.99 -2.32 37.45
N LYS D 78 16.05 -1.13 38.03
CA LYS D 78 15.89 -0.95 39.46
C LYS D 78 14.48 -0.52 39.85
N ASN D 79 13.57 -0.42 38.89
CA ASN D 79 12.21 0.04 39.12
C ASN D 79 12.21 1.37 39.87
N THR D 80 12.84 2.37 39.24
CA THR D 80 12.93 3.69 39.85
C THR D 80 12.99 4.73 38.74
N VAL D 81 12.46 5.91 39.04
CA VAL D 81 12.46 7.02 38.10
C VAL D 81 12.99 8.26 38.80
N TYR D 82 13.56 9.16 38.03
CA TYR D 82 14.24 10.34 38.54
C TYR D 82 13.67 11.59 37.91
N LEU D 83 13.49 12.61 38.74
CA LEU D 83 13.09 13.94 38.31
C LEU D 83 14.27 14.88 38.57
N GLN D 84 14.87 15.36 37.49
CA GLN D 84 15.99 16.29 37.56
C GLN D 84 15.44 17.72 37.47
N MET D 85 15.67 18.50 38.53
CA MET D 85 15.24 19.89 38.59
C MET D 85 16.46 20.77 38.39
N ASN D 86 16.35 21.75 37.50
CA ASN D 86 17.46 22.65 37.20
C ASN D 86 16.95 24.09 37.15
N SER D 87 17.86 25.02 37.38
CA SER D 87 17.58 26.45 37.28
C SER D 87 16.35 26.82 38.10
N LEU D 88 16.35 26.44 39.37
CA LEU D 88 15.22 26.70 40.25
C LEU D 88 15.09 28.20 40.52
N LYS D 89 13.89 28.58 40.93
CA LYS D 89 13.53 29.96 41.23
C LYS D 89 12.80 30.01 42.56
N PRO D 90 12.75 31.20 43.19
CA PRO D 90 12.12 31.27 44.53
C PRO D 90 10.67 30.82 44.55
N GLU D 91 9.93 31.00 43.46
CA GLU D 91 8.53 30.59 43.42
C GLU D 91 8.36 29.09 43.19
N ASP D 92 9.43 28.31 43.34
CA ASP D 92 9.37 26.85 43.28
C ASP D 92 9.72 26.33 44.68
N THR D 93 8.68 25.97 45.44
CA THR D 93 8.87 25.46 46.79
C THR D 93 7.59 24.72 47.16
N ALA D 94 7.69 23.41 47.36
CA ALA D 94 6.48 22.61 47.48
C ALA D 94 6.84 21.18 47.80
N VAL D 95 5.82 20.37 48.06
CA VAL D 95 5.98 18.94 48.28
C VAL D 95 5.70 18.25 46.96
N TYR D 96 6.67 17.45 46.50
CA TYR D 96 6.57 16.74 45.25
C TYR D 96 6.15 15.29 45.53
N TYR D 97 5.08 14.87 44.90
CA TYR D 97 4.50 13.54 45.07
C TYR D 97 4.70 12.72 43.81
N CYS D 98 4.67 11.40 43.99
CA CYS D 98 4.91 10.44 42.92
C CYS D 98 3.69 9.54 42.81
N ALA D 99 2.90 9.72 41.75
CA ALA D 99 1.72 8.93 41.49
C ALA D 99 2.02 7.85 40.47
N ILE D 100 1.16 6.84 40.43
CA ILE D 100 1.29 5.70 39.52
C ILE D 100 -0.02 5.55 38.76
N ASP D 101 0.07 5.43 37.43
CA ASP D 101 -1.10 5.29 36.58
C ASP D 101 -1.44 3.81 36.44
N SER D 102 -2.55 3.40 37.06
CA SER D 102 -2.97 2.00 37.02
C SER D 102 -3.45 1.56 35.64
N ASP D 103 -3.65 2.50 34.72
CA ASP D 103 -4.13 2.19 33.38
C ASP D 103 -2.96 2.21 32.40
N THR D 104 -2.91 1.19 31.53
CA THR D 104 -1.84 1.05 30.55
C THR D 104 -2.15 1.78 29.24
N PHE D 105 -3.02 2.79 29.26
CA PHE D 105 -3.43 3.50 28.06
C PHE D 105 -3.42 5.00 28.27
N TYR D 106 -2.48 5.51 29.06
CA TYR D 106 -2.31 6.95 29.26
C TYR D 106 -3.55 7.60 29.85
N SER D 107 -4.44 6.81 30.45
CA SER D 107 -5.74 7.35 30.88
C SER D 107 -5.58 8.43 31.93
N GLY D 108 -4.83 8.13 33.00
CA GLY D 108 -4.60 9.09 34.05
C GLY D 108 -5.33 8.77 35.35
N SER D 109 -5.45 7.47 35.66
CA SER D 109 -6.13 7.03 36.87
C SER D 109 -5.09 6.80 37.96
N TYR D 110 -4.63 7.90 38.55
CA TYR D 110 -3.65 7.83 39.63
C TYR D 110 -4.30 7.22 40.88
N ASP D 111 -3.68 6.18 41.42
CA ASP D 111 -4.19 5.50 42.61
C ASP D 111 -3.25 5.62 43.79
N TYR D 112 -1.99 5.24 43.63
CA TYR D 112 -1.03 5.20 44.73
C TYR D 112 -0.07 6.37 44.62
N TRP D 113 0.18 7.04 45.74
CA TRP D 113 0.92 8.29 45.76
C TRP D 113 2.17 8.26 46.64
N GLY D 114 2.12 7.57 47.77
CA GLY D 114 3.23 7.56 48.71
C GLY D 114 3.05 8.62 49.79
N GLN D 115 4.07 9.44 50.01
CA GLN D 115 4.01 10.50 51.01
C GLN D 115 4.51 11.85 50.54
N GLY D 116 5.33 11.93 49.51
CA GLY D 116 5.85 13.20 49.03
C GLY D 116 7.14 13.61 49.71
N THR D 117 7.86 14.52 49.06
CA THR D 117 9.12 15.02 49.57
C THR D 117 9.15 16.53 49.40
N GLN D 118 9.54 17.26 50.45
CA GLN D 118 9.45 18.71 50.46
C GLN D 118 10.73 19.31 49.88
N VAL D 119 10.62 19.94 48.72
CA VAL D 119 11.71 20.71 48.14
C VAL D 119 11.47 22.17 48.48
N THR D 120 12.40 22.77 49.22
CA THR D 120 12.32 24.16 49.63
C THR D 120 13.47 24.93 48.99
N VAL D 121 13.15 26.07 48.39
CA VAL D 121 14.13 26.88 47.70
C VAL D 121 14.18 28.28 48.31
N GLU E 353 20.49 -24.86 -5.28
CA GLU E 353 19.71 -23.77 -5.85
C GLU E 353 20.53 -22.50 -5.95
N GLU E 355 21.97 -19.54 -5.12
CA GLU E 355 22.11 -18.78 -3.89
C GLU E 355 22.13 -17.28 -4.19
N TYR E 356 22.68 -16.48 -3.29
CA TYR E 356 22.60 -15.03 -3.42
C TYR E 356 23.62 -14.34 -2.53
N ALA E 358 26.22 -10.28 -2.39
CA ALA E 358 26.30 -8.87 -2.75
C ALA E 358 27.69 -8.52 -3.28
N LEU E 359 27.84 -7.26 -3.70
CA LEU E 359 29.11 -6.78 -4.23
C LEU E 359 29.34 -5.33 -3.81
#